data_1HG1
#
_entry.id   1HG1
#
_cell.length_a   105.840
_cell.length_b   90.425
_cell.length_c   126.893
_cell.angle_alpha   90.00
_cell.angle_beta   91.80
_cell.angle_gamma   90.00
#
_symmetry.space_group_name_H-M   'C 1 2 1'
#
loop_
_entity.id
_entity.type
_entity.pdbx_description
1 polymer L-ASPARAGINASE
2 non-polymer 'D-ASPARTIC ACID'
3 water water
#
_entity_poly.entity_id   1
_entity_poly.type   'polypeptide(L)'
_entity_poly.pdbx_seq_one_letter_code
;ADKLPNIVILATGGTIAGSAATGTQTTGYKAGALGVDTLINAVPEVKKLANVKGEQFSNMASENMTGDVVLKLSQRVNEL
LARDDVDGVVITHGTDTVEESAYFLHLTVKSDKPVVFVAAMRPATAISADGPMNLLEAVRVAGDKQSRGRGVMVVINDRI
GSARYITKTNASTLDTFRANEEGYLGVIIGNRIYYQNRIDKLHTTRSVFDVRGLTSLPKVDILYGYQDDPEYLYDAAIQH
GVKGIVYAGMGAGSVSVRGIAGMRKALEKGVVVMRSTRTGNGIVPPDEELPGLVSDSLNPAHARILLMLALTRTSDPKVI
QEYFHTY
;
_entity_poly.pdbx_strand_id   A,B,C,D
#
# COMPACT_ATOMS: atom_id res chain seq x y z
N LEU A 4 2.83 -22.33 31.65
CA LEU A 4 3.51 -21.83 30.44
C LEU A 4 3.67 -22.94 29.39
N PRO A 5 3.35 -22.62 28.13
CA PRO A 5 3.47 -23.62 27.07
C PRO A 5 4.93 -23.97 26.79
N ASN A 6 5.16 -25.15 26.25
CA ASN A 6 6.51 -25.59 25.94
C ASN A 6 6.80 -25.26 24.49
N ILE A 7 7.78 -24.40 24.26
CA ILE A 7 8.14 -24.00 22.92
C ILE A 7 9.57 -24.35 22.54
N VAL A 8 9.73 -24.99 21.38
CA VAL A 8 11.05 -25.35 20.88
C VAL A 8 11.44 -24.36 19.79
N ILE A 9 12.62 -23.78 19.94
CA ILE A 9 13.12 -22.81 18.96
C ILE A 9 14.18 -23.49 18.11
N LEU A 10 13.84 -23.73 16.84
CA LEU A 10 14.76 -24.35 15.90
C LEU A 10 15.45 -23.28 15.06
N ALA A 11 16.77 -23.21 15.16
CA ALA A 11 17.54 -22.24 14.39
C ALA A 11 18.09 -22.86 13.10
N THR A 12 18.00 -22.10 12.00
CA THR A 12 18.50 -22.58 10.71
C THR A 12 19.58 -21.63 10.21
N GLY A 13 19.59 -20.43 10.78
CA GLY A 13 20.54 -19.40 10.39
C GLY A 13 19.80 -18.10 10.18
N GLY A 14 20.46 -17.13 9.55
CA GLY A 14 19.81 -15.85 9.28
C GLY A 14 20.42 -14.65 9.97
N THR A 15 20.07 -13.47 9.49
CA THR A 15 20.57 -12.22 10.02
C THR A 15 20.17 -12.06 11.49
N ILE A 16 19.17 -12.83 11.92
CA ILE A 16 18.67 -12.78 13.29
C ILE A 16 19.58 -13.48 14.29
N GLY A 35 24.81 -18.62 17.93
CA GLY A 35 24.03 -19.86 18.19
C GLY A 35 22.61 -19.58 18.63
N VAL A 36 21.78 -20.62 18.67
CA VAL A 36 20.40 -20.48 19.08
C VAL A 36 20.30 -20.03 20.54
N ASP A 37 21.22 -20.51 21.37
CA ASP A 37 21.23 -20.14 22.77
C ASP A 37 21.61 -18.67 22.93
N THR A 38 22.48 -18.19 22.04
CA THR A 38 22.90 -16.79 22.07
C THR A 38 21.65 -15.94 21.92
N LEU A 39 20.82 -16.30 20.95
CA LEU A 39 19.58 -15.58 20.68
C LEU A 39 18.63 -15.67 21.87
N ILE A 40 18.53 -16.85 22.46
CA ILE A 40 17.65 -17.04 23.62
C ILE A 40 18.14 -16.20 24.80
N ASN A 41 19.45 -16.26 25.05
CA ASN A 41 20.04 -15.50 26.15
C ASN A 41 20.00 -14.01 25.87
N ALA A 42 20.01 -13.65 24.58
CA ALA A 42 19.98 -12.25 24.18
C ALA A 42 18.66 -11.60 24.53
N VAL A 43 17.60 -12.41 24.62
CA VAL A 43 16.28 -11.88 24.95
C VAL A 43 15.61 -12.70 26.06
N PRO A 44 16.07 -12.52 27.31
CA PRO A 44 15.56 -13.22 28.50
C PRO A 44 14.04 -13.17 28.64
N GLU A 45 13.44 -12.12 28.07
CA GLU A 45 11.99 -11.92 28.13
C GLU A 45 11.19 -13.16 27.72
N VAL A 46 11.72 -13.93 26.78
CA VAL A 46 11.04 -15.12 26.28
C VAL A 46 10.68 -16.13 27.37
N LYS A 47 11.56 -16.30 28.35
CA LYS A 47 11.32 -17.24 29.44
C LYS A 47 9.99 -16.97 30.15
N LYS A 48 9.61 -15.70 30.21
CA LYS A 48 8.37 -15.31 30.86
C LYS A 48 7.14 -15.62 30.01
N LEU A 49 7.36 -15.92 28.73
CA LEU A 49 6.25 -16.23 27.84
C LEU A 49 6.04 -17.73 27.71
N ALA A 50 7.10 -18.50 27.94
CA ALA A 50 7.02 -19.95 27.83
C ALA A 50 8.34 -20.63 28.20
N ASN A 51 8.29 -21.95 28.31
CA ASN A 51 9.47 -22.73 28.62
C ASN A 51 10.13 -23.03 27.27
N VAL A 52 11.23 -22.32 27.00
CA VAL A 52 11.94 -22.47 25.73
C VAL A 52 13.15 -23.39 25.74
N LYS A 53 13.25 -24.20 24.69
CA LYS A 53 14.37 -25.12 24.51
C LYS A 53 14.92 -24.89 23.11
N GLY A 54 16.19 -24.47 23.04
CA GLY A 54 16.81 -24.22 21.76
C GLY A 54 17.37 -25.45 21.08
N GLU A 55 17.34 -25.44 19.75
CA GLU A 55 17.85 -26.55 18.96
C GLU A 55 18.44 -25.98 17.67
N GLN A 56 19.72 -26.28 17.42
CA GLN A 56 20.40 -25.78 16.23
C GLN A 56 20.22 -26.75 15.06
N PHE A 57 19.19 -26.53 14.27
CA PHE A 57 18.90 -27.38 13.11
C PHE A 57 19.98 -27.27 12.04
N SER A 58 20.37 -26.04 11.75
CA SER A 58 21.39 -25.77 10.75
C SER A 58 21.90 -24.36 10.93
N ASN A 59 22.87 -23.97 10.12
CA ASN A 59 23.44 -22.62 10.20
C ASN A 59 23.95 -22.17 8.84
N MET A 60 23.06 -21.57 8.07
CA MET A 60 23.41 -21.09 6.74
C MET A 60 22.50 -19.93 6.36
N ALA A 61 22.97 -19.09 5.45
CA ALA A 61 22.17 -17.96 4.99
C ALA A 61 20.98 -18.57 4.27
N SER A 62 19.81 -17.94 4.36
CA SER A 62 18.62 -18.49 3.72
C SER A 62 18.75 -18.63 2.21
N GLU A 63 19.61 -17.85 1.57
CA GLU A 63 19.76 -17.97 0.12
C GLU A 63 20.37 -19.32 -0.25
N ASN A 64 20.83 -20.05 0.75
CA ASN A 64 21.43 -21.36 0.51
C ASN A 64 20.54 -22.53 0.99
N MET A 65 19.39 -22.20 1.56
CA MET A 65 18.46 -23.23 2.00
C MET A 65 18.04 -24.01 0.76
N THR A 66 18.00 -25.34 0.86
CA THR A 66 17.63 -26.18 -0.26
C THR A 66 16.42 -27.05 0.05
N GLY A 67 15.71 -27.46 -0.98
CA GLY A 67 14.56 -28.31 -0.80
C GLY A 67 14.85 -29.52 0.09
N ASP A 68 15.99 -30.16 -0.15
CA ASP A 68 16.36 -31.33 0.65
C ASP A 68 16.45 -31.02 2.14
N VAL A 69 17.03 -29.86 2.47
CA VAL A 69 17.15 -29.45 3.87
C VAL A 69 15.81 -29.00 4.45
N VAL A 70 15.03 -28.30 3.64
CA VAL A 70 13.72 -27.83 4.06
C VAL A 70 12.85 -29.05 4.33
N LEU A 71 13.11 -30.12 3.60
CA LEU A 71 12.36 -31.36 3.75
C LEU A 71 12.65 -31.94 5.14
N LYS A 72 13.93 -31.97 5.52
CA LYS A 72 14.31 -32.49 6.82
C LYS A 72 13.73 -31.61 7.92
N LEU A 73 13.70 -30.30 7.67
CA LEU A 73 13.15 -29.35 8.64
C LEU A 73 11.70 -29.73 8.92
N SER A 74 10.95 -29.96 7.85
CA SER A 74 9.54 -30.31 7.97
C SER A 74 9.36 -31.62 8.74
N GLN A 75 10.16 -32.61 8.42
CA GLN A 75 10.06 -33.89 9.10
C GLN A 75 10.41 -33.75 10.58
N ARG A 76 11.41 -32.91 10.87
CA ARG A 76 11.80 -32.70 12.26
C ARG A 76 10.70 -31.97 13.04
N VAL A 77 10.10 -30.96 12.41
CA VAL A 77 9.04 -30.23 13.07
C VAL A 77 7.85 -31.16 13.30
N ASN A 78 7.59 -32.04 12.34
CA ASN A 78 6.49 -32.98 12.46
C ASN A 78 6.65 -33.91 13.66
N GLU A 79 7.87 -34.40 13.89
CA GLU A 79 8.08 -35.30 15.03
C GLU A 79 8.04 -34.54 16.35
N LEU A 80 8.49 -33.29 16.34
CA LEU A 80 8.47 -32.48 17.56
C LEU A 80 7.03 -32.21 17.97
N LEU A 81 6.22 -31.80 17.01
CA LEU A 81 4.81 -31.50 17.26
C LEU A 81 4.00 -32.73 17.64
N ALA A 82 4.54 -33.91 17.34
CA ALA A 82 3.86 -35.16 17.67
C ALA A 82 3.99 -35.43 19.18
N ARG A 83 4.98 -34.79 19.80
CA ARG A 83 5.24 -34.96 21.22
C ARG A 83 4.27 -34.16 22.09
N ASP A 84 3.80 -34.77 23.17
CA ASP A 84 2.88 -34.11 24.08
C ASP A 84 3.59 -32.99 24.85
N ASP A 85 4.91 -33.11 24.97
CA ASP A 85 5.70 -32.12 25.70
C ASP A 85 6.07 -30.89 24.88
N VAL A 86 5.51 -30.79 23.67
CA VAL A 86 5.78 -29.64 22.80
C VAL A 86 4.45 -29.03 22.36
N ASP A 87 4.29 -27.74 22.62
CA ASP A 87 3.05 -27.03 22.27
C ASP A 87 3.18 -26.18 21.02
N GLY A 88 4.41 -25.85 20.64
CA GLY A 88 4.61 -25.03 19.46
C GLY A 88 6.08 -24.91 19.09
N VAL A 89 6.34 -24.44 17.88
CA VAL A 89 7.70 -24.30 17.41
C VAL A 89 7.94 -22.96 16.73
N VAL A 90 9.07 -22.34 17.06
CA VAL A 90 9.50 -21.08 16.46
C VAL A 90 10.75 -21.45 15.68
N ILE A 91 10.80 -21.07 14.41
CA ILE A 91 11.94 -21.37 13.56
C ILE A 91 12.63 -20.09 13.11
N THR A 92 13.88 -19.89 13.53
CA THR A 92 14.62 -18.69 13.12
C THR A 92 15.15 -18.99 11.72
N HIS A 93 14.97 -18.04 10.81
CA HIS A 93 15.34 -18.25 9.43
C HIS A 93 15.76 -16.92 8.80
N GLY A 94 16.49 -16.98 7.69
CA GLY A 94 16.90 -15.76 7.02
C GLY A 94 15.67 -15.21 6.33
N THR A 95 15.61 -13.89 6.12
CA THR A 95 14.45 -13.28 5.47
C THR A 95 14.34 -13.56 3.97
N ASP A 96 15.48 -13.70 3.30
CA ASP A 96 15.49 -13.91 1.85
C ASP A 96 14.61 -15.03 1.29
N THR A 97 14.62 -16.21 1.92
CA THR A 97 13.80 -17.30 1.41
C THR A 97 12.85 -17.90 2.45
N VAL A 98 12.59 -17.15 3.51
CA VAL A 98 11.70 -17.64 4.55
C VAL A 98 10.31 -17.96 3.98
N GLU A 99 9.86 -17.21 2.98
CA GLU A 99 8.54 -17.45 2.39
C GLU A 99 8.45 -18.81 1.73
N GLU A 100 9.58 -19.26 1.20
CA GLU A 100 9.63 -20.57 0.54
C GLU A 100 9.62 -21.70 1.57
N SER A 101 10.48 -21.61 2.57
CA SER A 101 10.53 -22.64 3.62
C SER A 101 9.23 -22.69 4.40
N ALA A 102 8.69 -21.51 4.70
CA ALA A 102 7.44 -21.43 5.46
C ALA A 102 6.29 -22.08 4.70
N TYR A 103 6.17 -21.77 3.42
CA TYR A 103 5.07 -22.33 2.63
C TYR A 103 5.23 -23.85 2.51
N PHE A 104 6.47 -24.32 2.50
CA PHE A 104 6.72 -25.75 2.39
C PHE A 104 6.14 -26.45 3.62
N LEU A 105 6.49 -25.98 4.82
CA LEU A 105 5.97 -26.60 6.02
C LEU A 105 4.47 -26.36 6.15
N HIS A 106 4.02 -25.23 5.60
CA HIS A 106 2.60 -24.87 5.62
C HIS A 106 1.80 -26.02 5.00
N LEU A 107 2.38 -26.62 3.96
CA LEU A 107 1.74 -27.71 3.23
C LEU A 107 2.08 -29.11 3.74
N THR A 108 3.14 -29.23 4.53
CA THR A 108 3.57 -30.56 4.99
C THR A 108 3.51 -30.89 6.48
N VAL A 109 3.26 -29.91 7.34
CA VAL A 109 3.18 -30.20 8.77
C VAL A 109 1.77 -30.65 9.16
N LYS A 110 1.64 -31.90 9.56
CA LYS A 110 0.35 -32.47 9.94
C LYS A 110 0.01 -32.23 11.41
N SER A 111 -0.16 -30.97 11.78
CA SER A 111 -0.48 -30.61 13.16
C SER A 111 -1.12 -29.24 13.23
N ASP A 112 -1.94 -29.02 14.27
CA ASP A 112 -2.62 -27.75 14.48
C ASP A 112 -1.79 -26.87 15.42
N LYS A 113 -0.75 -27.44 16.00
CA LYS A 113 0.10 -26.68 16.91
C LYS A 113 0.81 -25.59 16.13
N PRO A 114 0.97 -24.41 16.74
CA PRO A 114 1.64 -23.28 16.07
C PRO A 114 3.06 -23.53 15.58
N VAL A 115 3.29 -23.20 14.31
CA VAL A 115 4.61 -23.30 13.70
C VAL A 115 4.85 -21.88 13.25
N VAL A 116 5.73 -21.17 13.94
CA VAL A 116 6.00 -19.78 13.62
C VAL A 116 7.43 -19.49 13.15
N PHE A 117 7.56 -19.04 11.91
CA PHE A 117 8.86 -18.68 11.38
C PHE A 117 9.12 -17.24 11.82
N VAL A 118 10.37 -16.95 12.18
CA VAL A 118 10.73 -15.61 12.59
C VAL A 118 12.06 -15.25 11.94
N ALA A 119 12.22 -13.98 11.59
CA ALA A 119 13.45 -13.52 10.95
C ALA A 119 13.75 -12.09 11.37
N ALA A 120 14.81 -11.53 10.82
CA ALA A 120 15.21 -10.16 11.13
C ALA A 120 15.91 -9.51 9.94
N MET A 121 15.49 -8.28 9.61
CA MET A 121 16.07 -7.55 8.49
C MET A 121 17.38 -6.85 8.84
N ARG A 122 17.65 -6.69 10.13
CA ARG A 122 18.89 -6.06 10.58
C ARG A 122 19.70 -7.05 11.40
N PRO A 123 21.04 -7.05 11.24
CA PRO A 123 21.86 -7.98 12.00
C PRO A 123 21.74 -7.74 13.50
N ALA A 124 21.94 -8.80 14.28
CA ALA A 124 21.82 -8.74 15.73
C ALA A 124 22.72 -7.69 16.36
N THR A 125 23.75 -7.27 15.63
CA THR A 125 24.69 -6.28 16.14
C THR A 125 24.35 -4.85 15.71
N ALA A 126 23.41 -4.72 14.78
CA ALA A 126 23.03 -3.41 14.28
C ALA A 126 22.25 -2.58 15.28
N ILE A 127 22.34 -1.26 15.14
CA ILE A 127 21.63 -0.35 16.02
C ILE A 127 20.14 -0.50 15.71
N SER A 128 19.32 -0.60 16.75
CA SER A 128 17.88 -0.77 16.59
C SER A 128 17.56 -2.07 15.85
N ALA A 129 18.30 -3.13 16.15
CA ALA A 129 18.06 -4.42 15.52
C ALA A 129 16.62 -4.86 15.80
N ASP A 130 15.98 -5.43 14.79
CA ASP A 130 14.59 -5.89 14.93
C ASP A 130 14.47 -7.32 15.45
N GLY A 131 15.57 -8.06 15.40
CA GLY A 131 15.56 -9.45 15.85
C GLY A 131 14.99 -9.68 17.23
N PRO A 132 15.49 -9.01 18.27
CA PRO A 132 14.98 -9.20 19.63
C PRO A 132 13.45 -9.13 19.73
N MET A 133 12.86 -8.04 19.28
CA MET A 133 11.41 -7.90 19.33
C MET A 133 10.68 -8.92 18.46
N ASN A 134 11.23 -9.22 17.29
CA ASN A 134 10.59 -10.19 16.40
C ASN A 134 10.50 -11.56 17.07
N LEU A 135 11.59 -11.97 17.72
CA LEU A 135 11.63 -13.26 18.40
C LEU A 135 10.61 -13.32 19.52
N LEU A 136 10.57 -12.26 20.32
CA LEU A 136 9.64 -12.17 21.43
C LEU A 136 8.21 -12.34 20.93
N GLU A 137 7.89 -11.66 19.84
CA GLU A 137 6.55 -11.76 19.27
C GLU A 137 6.28 -13.15 18.71
N ALA A 138 7.29 -13.75 18.08
CA ALA A 138 7.13 -15.09 17.52
C ALA A 138 6.79 -16.09 18.61
N VAL A 139 7.47 -16.00 19.76
CA VAL A 139 7.22 -16.91 20.86
C VAL A 139 5.83 -16.70 21.47
N ARG A 140 5.43 -15.44 21.61
CA ARG A 140 4.10 -15.15 22.17
C ARG A 140 3.06 -15.78 21.25
N VAL A 141 3.24 -15.60 19.94
CA VAL A 141 2.31 -16.16 18.97
C VAL A 141 2.28 -17.68 19.05
N ALA A 142 3.46 -18.31 19.06
CA ALA A 142 3.55 -19.76 19.14
C ALA A 142 2.96 -20.34 20.41
N GLY A 143 3.09 -19.61 21.52
CA GLY A 143 2.56 -20.12 22.78
C GLY A 143 1.12 -19.80 23.10
N ASP A 144 0.45 -19.05 22.24
CA ASP A 144 -0.94 -18.70 22.49
C ASP A 144 -1.89 -19.78 21.99
N LYS A 145 -2.79 -20.21 22.86
CA LYS A 145 -3.75 -21.26 22.51
C LYS A 145 -4.61 -20.86 21.31
N GLN A 146 -4.85 -19.57 21.17
CA GLN A 146 -5.66 -19.04 20.07
C GLN A 146 -4.96 -19.15 18.72
N SER A 147 -3.66 -19.41 18.74
CA SER A 147 -2.89 -19.51 17.50
C SER A 147 -2.95 -20.85 16.79
N ARG A 148 -3.63 -21.82 17.39
CA ARG A 148 -3.72 -23.15 16.80
C ARG A 148 -4.64 -23.20 15.57
N GLY A 149 -4.30 -24.10 14.65
CA GLY A 149 -5.08 -24.31 13.43
C GLY A 149 -5.14 -23.15 12.45
N ARG A 150 -4.10 -22.34 12.40
CA ARG A 150 -4.10 -21.20 11.48
C ARG A 150 -3.12 -21.34 10.32
N GLY A 151 -2.48 -22.49 10.21
CA GLY A 151 -1.50 -22.69 9.15
C GLY A 151 -0.17 -22.15 9.61
N VAL A 152 0.87 -22.32 8.80
CA VAL A 152 2.19 -21.82 9.18
C VAL A 152 2.20 -20.30 9.09
N MET A 153 2.87 -19.68 10.06
CA MET A 153 2.92 -18.22 10.11
C MET A 153 4.35 -17.69 10.09
N VAL A 154 4.47 -16.43 9.65
CA VAL A 154 5.76 -15.75 9.61
C VAL A 154 5.54 -14.49 10.43
N VAL A 155 6.25 -14.38 11.55
CA VAL A 155 6.13 -13.23 12.43
C VAL A 155 7.33 -12.30 12.36
N ILE A 156 7.07 -11.01 12.21
CA ILE A 156 8.12 -10.01 12.10
C ILE A 156 7.51 -8.61 12.00
N ASN A 157 8.15 -7.65 12.64
CA ASN A 157 7.70 -6.25 12.62
C ASN A 157 6.25 -6.10 13.06
N ASP A 158 5.91 -6.72 14.20
CA ASP A 158 4.56 -6.66 14.77
C ASP A 158 3.46 -7.31 13.92
N ARG A 159 3.83 -7.98 12.84
CA ARG A 159 2.83 -8.60 11.97
C ARG A 159 2.87 -10.14 11.94
N ILE A 160 1.72 -10.74 11.68
CA ILE A 160 1.60 -12.19 11.58
C ILE A 160 1.08 -12.49 10.18
N GLY A 161 1.95 -12.99 9.31
CA GLY A 161 1.54 -13.29 7.96
C GLY A 161 1.39 -14.77 7.67
N SER A 162 0.42 -15.13 6.84
CA SER A 162 0.22 -16.52 6.47
C SER A 162 1.32 -16.92 5.50
N ALA A 163 1.86 -18.12 5.68
CA ALA A 163 2.93 -18.60 4.80
C ALA A 163 2.49 -18.61 3.33
N ARG A 164 1.19 -18.80 3.09
CA ARG A 164 0.67 -18.85 1.74
C ARG A 164 0.60 -17.49 1.04
N TYR A 165 0.47 -16.42 1.81
CA TYR A 165 0.35 -15.09 1.21
C TYR A 165 1.55 -14.17 1.42
N ILE A 166 2.16 -14.24 2.59
CA ILE A 166 3.28 -13.35 2.91
C ILE A 166 4.48 -13.52 1.99
N THR A 167 5.16 -12.42 1.71
CA THR A 167 6.33 -12.43 0.84
C THR A 167 7.22 -11.22 1.14
N LYS A 168 8.52 -11.34 0.88
CA LYS A 168 9.45 -10.24 1.11
C LYS A 168 9.28 -9.32 -0.10
N THR A 169 8.67 -8.15 0.11
CA THR A 169 8.41 -7.22 -0.98
C THR A 169 9.47 -6.15 -1.20
N ASN A 170 10.31 -5.93 -0.21
CA ASN A 170 11.34 -4.91 -0.33
C ASN A 170 12.69 -5.55 -0.03
N ALA A 171 13.70 -5.15 -0.80
CA ALA A 171 15.02 -5.71 -0.62
C ALA A 171 15.64 -5.41 0.75
N SER A 172 15.41 -4.21 1.28
CA SER A 172 16.08 -3.84 2.53
C SER A 172 15.35 -3.20 3.70
N THR A 173 14.03 -3.10 3.65
CA THR A 173 13.29 -2.46 4.75
C THR A 173 12.79 -3.41 5.85
N LEU A 174 12.58 -2.86 7.04
CA LEU A 174 12.09 -3.64 8.18
C LEU A 174 10.67 -4.15 7.95
N ASP A 175 9.89 -3.34 7.24
CA ASP A 175 8.49 -3.64 6.94
C ASP A 175 8.29 -4.34 5.61
N THR A 176 9.35 -4.99 5.13
CA THR A 176 9.34 -5.68 3.85
C THR A 176 8.28 -6.77 3.67
N PHE A 177 7.96 -7.52 4.71
CA PHE A 177 6.97 -8.59 4.57
C PHE A 177 5.54 -8.08 4.57
N ARG A 178 4.85 -8.31 3.46
CA ARG A 178 3.47 -7.88 3.30
C ARG A 178 2.71 -8.82 2.36
N ALA A 179 1.38 -8.79 2.46
CA ALA A 179 0.52 -9.57 1.59
C ALA A 179 -0.44 -8.47 1.17
N ASN A 180 -0.04 -7.71 0.15
CA ASN A 180 -0.82 -6.57 -0.33
C ASN A 180 -2.30 -6.79 -0.55
N GLU A 181 -2.66 -7.91 -1.15
CA GLU A 181 -4.06 -8.20 -1.41
C GLU A 181 -4.75 -9.01 -0.33
N GLU A 182 -3.98 -9.78 0.43
CA GLU A 182 -4.55 -10.65 1.46
C GLU A 182 -4.42 -10.18 2.90
N GLY A 183 -3.57 -9.19 3.13
CA GLY A 183 -3.38 -8.67 4.47
C GLY A 183 -2.69 -9.66 5.40
N TYR A 184 -2.70 -9.34 6.69
CA TYR A 184 -2.08 -10.17 7.72
C TYR A 184 -3.12 -10.99 8.46
N LEU A 185 -2.72 -12.14 8.97
CA LEU A 185 -3.63 -12.98 9.74
C LEU A 185 -3.89 -12.25 11.05
N GLY A 186 -2.89 -11.52 11.51
CA GLY A 186 -3.02 -10.78 12.75
C GLY A 186 -1.82 -9.87 12.98
N VAL A 187 -1.84 -9.16 14.11
CA VAL A 187 -0.74 -8.27 14.46
C VAL A 187 -0.50 -8.37 15.97
N ILE A 188 0.67 -7.92 16.42
CA ILE A 188 1.00 -7.96 17.84
C ILE A 188 1.33 -6.54 18.26
N ILE A 189 0.44 -5.95 19.07
CA ILE A 189 0.62 -4.58 19.53
C ILE A 189 0.42 -4.52 21.04
N GLY A 190 1.29 -3.81 21.74
CA GLY A 190 1.16 -3.70 23.18
C GLY A 190 1.17 -5.06 23.87
N ASN A 191 1.98 -5.97 23.34
CA ASN A 191 2.12 -7.31 23.89
C ASN A 191 0.84 -8.13 23.83
N ARG A 192 -0.08 -7.73 22.97
CA ARG A 192 -1.34 -8.45 22.80
C ARG A 192 -1.48 -8.87 21.34
N ILE A 193 -2.01 -10.05 21.10
CA ILE A 193 -2.20 -10.54 19.74
C ILE A 193 -3.61 -10.23 19.27
N TYR A 194 -3.72 -9.67 18.07
CA TYR A 194 -5.02 -9.34 17.49
C TYR A 194 -5.18 -10.15 16.21
N TYR A 195 -6.01 -11.19 16.25
CA TYR A 195 -6.22 -12.00 15.07
C TYR A 195 -7.29 -11.39 14.19
N GLN A 196 -6.94 -11.20 12.92
CA GLN A 196 -7.82 -10.56 11.94
C GLN A 196 -8.51 -11.49 10.95
N ASN A 197 -7.74 -12.42 10.38
CA ASN A 197 -8.25 -13.34 9.36
C ASN A 197 -7.82 -14.78 9.63
N ARG A 198 -8.51 -15.70 8.97
CA ARG A 198 -8.18 -17.11 9.00
C ARG A 198 -8.10 -17.38 7.49
N ILE A 199 -6.99 -17.94 7.02
CA ILE A 199 -6.84 -18.19 5.59
C ILE A 199 -7.89 -19.19 5.08
N ASP A 200 -8.44 -18.90 3.90
CA ASP A 200 -9.45 -19.76 3.30
C ASP A 200 -8.82 -20.68 2.24
N LYS A 201 -7.87 -21.49 2.69
CA LYS A 201 -7.16 -22.43 1.84
C LYS A 201 -6.84 -23.66 2.68
N LEU A 202 -6.52 -24.76 2.01
CA LEU A 202 -6.17 -25.99 2.71
C LEU A 202 -4.73 -25.89 3.18
N HIS A 203 -4.45 -26.47 4.35
CA HIS A 203 -3.10 -26.45 4.88
C HIS A 203 -2.94 -27.45 6.02
N THR A 204 -1.70 -27.57 6.49
CA THR A 204 -1.32 -28.45 7.58
C THR A 204 -2.11 -29.76 7.72
N THR A 205 -2.90 -29.87 8.78
CA THR A 205 -3.68 -31.07 9.05
C THR A 205 -4.67 -31.49 7.98
N ARG A 206 -5.01 -30.59 7.06
CA ARG A 206 -5.96 -30.93 6.02
C ARG A 206 -5.28 -31.00 4.65
N SER A 207 -3.96 -31.03 4.65
CA SER A 207 -3.17 -31.11 3.42
C SER A 207 -2.94 -32.57 3.03
N VAL A 208 -2.99 -32.85 1.73
N VAL A 208 -2.99 -32.85 1.73
CA VAL A 208 -2.78 -34.21 1.23
CA VAL A 208 -2.77 -34.22 1.24
C VAL A 208 -1.29 -34.46 0.96
C VAL A 208 -1.29 -34.46 0.96
N PHE A 209 -0.48 -33.43 1.14
CA PHE A 209 0.96 -33.54 0.90
C PHE A 209 1.78 -34.11 2.06
N ASP A 210 1.97 -35.43 2.07
CA ASP A 210 2.76 -36.07 3.11
C ASP A 210 4.13 -36.39 2.51
N VAL A 211 5.18 -35.97 3.20
CA VAL A 211 6.53 -36.21 2.71
C VAL A 211 7.44 -36.92 3.70
N ARG A 212 6.91 -37.33 4.85
CA ARG A 212 7.71 -38.01 5.85
C ARG A 212 8.44 -39.23 5.31
N GLY A 213 7.99 -39.74 4.16
CA GLY A 213 8.64 -40.89 3.58
C GLY A 213 9.47 -40.50 2.37
N LEU A 214 9.98 -39.28 2.38
CA LEU A 214 10.79 -38.76 1.28
C LEU A 214 12.11 -38.14 1.75
N THR A 215 13.08 -38.08 0.84
CA THR A 215 14.39 -37.52 1.13
C THR A 215 14.70 -36.37 0.16
N SER A 216 13.93 -36.29 -0.92
CA SER A 216 14.11 -35.24 -1.93
C SER A 216 12.81 -35.00 -2.69
N LEU A 217 12.74 -33.87 -3.40
CA LEU A 217 11.55 -33.51 -4.17
C LEU A 217 11.86 -33.30 -5.64
N PRO A 218 10.83 -33.41 -6.50
CA PRO A 218 11.00 -33.22 -7.94
C PRO A 218 11.65 -31.87 -8.22
N LYS A 219 12.54 -31.84 -9.22
CA LYS A 219 13.24 -30.62 -9.58
C LYS A 219 12.37 -29.62 -10.35
N VAL A 220 12.33 -28.39 -9.86
CA VAL A 220 11.54 -27.34 -10.51
C VAL A 220 12.35 -26.04 -10.56
N ASP A 221 12.47 -25.48 -11.76
CA ASP A 221 13.20 -24.24 -11.94
C ASP A 221 12.25 -23.12 -12.34
N ILE A 222 12.71 -21.87 -12.17
CA ILE A 222 11.91 -20.69 -12.50
C ILE A 222 12.53 -19.86 -13.60
N LEU A 223 11.74 -19.58 -14.65
CA LEU A 223 12.21 -18.76 -15.77
C LEU A 223 11.47 -17.43 -15.79
N TYR A 224 12.21 -16.35 -15.98
CA TYR A 224 11.63 -15.01 -15.99
C TYR A 224 11.00 -14.59 -17.33
N GLY A 225 10.03 -13.69 -17.25
CA GLY A 225 9.35 -13.19 -18.44
C GLY A 225 9.70 -11.73 -18.63
N TYR A 226 10.14 -11.38 -19.83
CA TYR A 226 10.53 -10.01 -20.15
C TYR A 226 10.72 -9.89 -21.66
N GLN A 227 10.78 -8.65 -22.14
CA GLN A 227 10.98 -8.42 -23.57
C GLN A 227 12.24 -9.17 -24.00
N ASP A 228 12.16 -9.86 -25.13
CA ASP A 228 13.28 -10.62 -25.69
C ASP A 228 13.69 -11.82 -24.85
N ASP A 229 12.80 -12.33 -24.01
CA ASP A 229 13.14 -13.49 -23.21
C ASP A 229 13.58 -14.61 -24.15
N PRO A 230 14.71 -15.26 -23.84
CA PRO A 230 15.30 -16.36 -24.62
C PRO A 230 14.62 -17.71 -24.55
N GLU A 231 14.46 -18.32 -25.71
CA GLU A 231 13.83 -19.63 -25.80
C GLU A 231 14.78 -20.71 -25.29
N TYR A 232 16.08 -20.53 -25.52
CA TYR A 232 17.05 -21.53 -25.10
C TYR A 232 17.10 -21.87 -23.60
N LEU A 233 16.64 -20.97 -22.74
CA LEU A 233 16.65 -21.27 -21.31
C LEU A 233 15.68 -22.40 -21.02
N TYR A 234 14.64 -22.54 -21.84
CA TYR A 234 13.68 -23.63 -21.66
C TYR A 234 14.39 -24.93 -22.03
N ASP A 235 15.09 -24.90 -23.16
CA ASP A 235 15.83 -26.07 -23.62
C ASP A 235 16.81 -26.53 -22.54
N ALA A 236 17.56 -25.58 -21.99
CA ALA A 236 18.52 -25.87 -20.94
C ALA A 236 17.89 -26.56 -19.74
N ALA A 237 16.74 -26.03 -19.29
CA ALA A 237 16.04 -26.62 -18.15
C ALA A 237 15.59 -28.03 -18.47
N ILE A 238 14.97 -28.20 -19.63
CA ILE A 238 14.50 -29.52 -20.04
C ILE A 238 15.66 -30.51 -20.03
N GLN A 239 16.77 -30.11 -20.65
CA GLN A 239 17.94 -30.96 -20.74
C GLN A 239 18.58 -31.32 -19.40
N HIS A 240 18.33 -30.52 -18.38
CA HIS A 240 18.89 -30.81 -17.06
C HIS A 240 17.96 -31.58 -16.13
N GLY A 241 16.91 -32.15 -16.70
CA GLY A 241 15.99 -32.96 -15.93
C GLY A 241 14.88 -32.34 -15.09
N VAL A 242 14.57 -31.06 -15.28
CA VAL A 242 13.51 -30.46 -14.49
C VAL A 242 12.22 -31.23 -14.76
N LYS A 243 11.38 -31.37 -13.72
CA LYS A 243 10.11 -32.05 -13.89
C LYS A 243 9.01 -31.00 -13.97
N GLY A 244 9.39 -29.77 -13.68
CA GLY A 244 8.44 -28.67 -13.74
C GLY A 244 9.16 -27.36 -13.96
N ILE A 245 8.45 -26.41 -14.57
CA ILE A 245 9.01 -25.09 -14.81
C ILE A 245 7.99 -24.05 -14.40
N VAL A 246 8.37 -23.18 -13.46
CA VAL A 246 7.49 -22.11 -13.03
C VAL A 246 7.93 -20.89 -13.84
N TYR A 247 6.98 -20.25 -14.49
CA TYR A 247 7.24 -19.08 -15.33
C TYR A 247 6.76 -17.79 -14.65
N ALA A 248 7.72 -16.93 -14.27
CA ALA A 248 7.39 -15.65 -13.65
C ALA A 248 7.05 -14.72 -14.81
N GLY A 249 5.87 -14.93 -15.38
CA GLY A 249 5.45 -14.18 -16.55
C GLY A 249 5.19 -12.69 -16.49
N MET A 250 5.15 -12.11 -17.69
CA MET A 250 4.86 -10.69 -17.84
C MET A 250 3.35 -10.60 -17.64
N GLY A 251 2.91 -9.63 -16.83
CA GLY A 251 1.50 -9.49 -16.58
C GLY A 251 0.86 -10.76 -16.04
N ALA A 252 -0.32 -11.10 -16.55
CA ALA A 252 -1.04 -12.28 -16.11
C ALA A 252 -0.55 -13.56 -16.76
N GLY A 253 0.74 -13.85 -16.59
CA GLY A 253 1.32 -15.04 -17.18
C GLY A 253 1.45 -15.01 -18.69
N SER A 254 1.43 -13.80 -19.26
CA SER A 254 1.54 -13.65 -20.72
C SER A 254 2.86 -14.20 -21.23
N VAL A 255 2.81 -14.85 -22.39
CA VAL A 255 3.98 -15.47 -22.97
C VAL A 255 4.31 -14.98 -24.38
N SER A 256 5.58 -14.67 -24.62
CA SER A 256 6.02 -14.22 -25.94
C SER A 256 6.08 -15.45 -26.84
N VAL A 257 6.22 -15.24 -28.14
CA VAL A 257 6.30 -16.35 -29.08
C VAL A 257 7.46 -17.29 -28.77
N ARG A 258 8.54 -16.75 -28.20
CA ARG A 258 9.70 -17.55 -27.86
C ARG A 258 9.42 -18.38 -26.62
N GLY A 259 8.65 -17.81 -25.69
CA GLY A 259 8.32 -18.51 -24.47
C GLY A 259 7.34 -19.63 -24.79
N ILE A 260 6.47 -19.38 -25.75
CA ILE A 260 5.49 -20.40 -26.14
C ILE A 260 6.20 -21.58 -26.77
N ALA A 261 7.15 -21.31 -27.67
CA ALA A 261 7.90 -22.38 -28.32
C ALA A 261 8.66 -23.18 -27.27
N GLY A 262 9.21 -22.47 -26.28
CA GLY A 262 9.95 -23.12 -25.22
C GLY A 262 9.06 -23.99 -24.35
N MET A 263 7.85 -23.49 -24.04
CA MET A 263 6.91 -24.23 -23.22
C MET A 263 6.39 -25.45 -23.97
N ARG A 264 6.24 -25.32 -25.28
CA ARG A 264 5.76 -26.42 -26.13
C ARG A 264 6.73 -27.60 -26.03
N LYS A 265 8.02 -27.31 -26.11
CA LYS A 265 9.04 -28.34 -26.03
C LYS A 265 9.05 -28.99 -24.65
N ALA A 266 8.82 -28.18 -23.62
CA ALA A 266 8.81 -28.69 -22.25
C ALA A 266 7.64 -29.66 -22.06
N LEU A 267 6.49 -29.30 -22.62
CA LEU A 267 5.30 -30.13 -22.50
C LEU A 267 5.43 -31.44 -23.28
N GLU A 268 6.06 -31.38 -24.45
CA GLU A 268 6.24 -32.58 -25.27
C GLU A 268 7.12 -33.59 -24.56
N LYS A 269 7.90 -33.12 -23.59
CA LYS A 269 8.80 -34.00 -22.85
C LYS A 269 8.36 -34.29 -21.42
N GLY A 270 7.05 -34.21 -21.18
CA GLY A 270 6.52 -34.51 -19.86
C GLY A 270 6.76 -33.52 -18.73
N VAL A 271 7.29 -32.34 -19.05
CA VAL A 271 7.53 -31.34 -18.02
C VAL A 271 6.25 -30.54 -17.79
N VAL A 272 5.91 -30.29 -16.53
CA VAL A 272 4.72 -29.53 -16.20
C VAL A 272 5.09 -28.05 -16.17
N VAL A 273 4.35 -27.25 -16.93
CA VAL A 273 4.60 -25.81 -16.99
C VAL A 273 3.51 -25.06 -16.20
N MET A 274 3.95 -24.26 -15.25
CA MET A 274 3.04 -23.47 -14.41
C MET A 274 3.29 -21.99 -14.61
N ARG A 275 2.29 -21.29 -15.15
CA ARG A 275 2.42 -19.86 -15.40
C ARG A 275 2.02 -18.99 -14.21
N SER A 276 3.01 -18.28 -13.68
CA SER A 276 2.82 -17.36 -12.56
C SER A 276 3.05 -15.95 -13.10
N THR A 277 3.43 -15.02 -12.21
CA THR A 277 3.66 -13.66 -12.64
C THR A 277 4.84 -13.01 -11.91
N ARG A 278 5.51 -12.08 -12.60
CA ARG A 278 6.65 -11.36 -12.06
C ARG A 278 6.18 -10.07 -11.38
N THR A 279 4.92 -9.71 -11.59
CA THR A 279 4.37 -8.46 -11.05
C THR A 279 4.44 -8.33 -9.55
N GLY A 280 4.23 -9.43 -8.84
CA GLY A 280 4.28 -9.42 -7.39
C GLY A 280 2.98 -9.74 -6.68
N ASN A 281 1.84 -9.55 -7.36
CA ASN A 281 0.54 -9.78 -6.74
C ASN A 281 -0.51 -10.15 -7.78
N GLY A 282 -1.62 -10.69 -7.31
CA GLY A 282 -2.71 -10.98 -8.23
C GLY A 282 -2.92 -12.38 -8.76
N ILE A 283 -4.03 -12.48 -9.49
CA ILE A 283 -4.47 -13.73 -10.08
C ILE A 283 -4.04 -13.92 -11.54
N VAL A 284 -3.42 -15.06 -11.82
CA VAL A 284 -3.07 -15.39 -13.19
C VAL A 284 -4.26 -16.30 -13.51
N PRO A 285 -5.19 -15.81 -14.36
CA PRO A 285 -6.39 -16.56 -14.73
C PRO A 285 -6.19 -17.64 -15.78
N PRO A 286 -7.11 -18.62 -15.83
CA PRO A 286 -7.02 -19.70 -16.81
C PRO A 286 -7.13 -19.10 -18.20
N ASP A 287 -6.44 -19.69 -19.16
CA ASP A 287 -6.48 -19.24 -20.55
C ASP A 287 -6.16 -20.46 -21.40
N GLU A 288 -7.20 -21.12 -21.90
CA GLU A 288 -7.03 -22.31 -22.74
C GLU A 288 -6.23 -22.05 -24.01
N GLU A 289 -6.05 -20.78 -24.36
CA GLU A 289 -5.30 -20.43 -25.57
C GLU A 289 -3.80 -20.41 -25.32
N LEU A 290 -3.41 -20.53 -24.06
CA LEU A 290 -1.99 -20.54 -23.69
C LEU A 290 -1.60 -21.89 -23.12
N PRO A 291 -0.32 -22.26 -23.27
CA PRO A 291 0.18 -23.54 -22.76
C PRO A 291 0.41 -23.53 -21.25
N GLY A 292 0.39 -24.72 -20.64
CA GLY A 292 0.61 -24.83 -19.21
C GLY A 292 -0.55 -24.49 -18.31
N LEU A 293 -0.30 -24.60 -17.00
CA LEU A 293 -1.31 -24.30 -15.99
C LEU A 293 -1.17 -22.86 -15.49
N VAL A 294 -2.09 -22.44 -14.63
CA VAL A 294 -2.09 -21.09 -14.06
C VAL A 294 -1.85 -21.18 -12.54
N SER A 295 -1.11 -20.22 -12.00
CA SER A 295 -0.76 -20.24 -10.59
C SER A 295 -1.73 -19.61 -9.59
N ASP A 296 -2.93 -19.26 -10.02
CA ASP A 296 -3.90 -18.65 -9.10
C ASP A 296 -3.18 -17.40 -8.56
N SER A 297 -3.16 -17.22 -7.24
CA SER A 297 -2.48 -16.05 -6.67
C SER A 297 -1.08 -16.33 -6.13
N LEU A 298 -0.53 -17.51 -6.42
N LEU A 298 -0.53 -17.51 -6.42
CA LEU A 298 0.80 -17.86 -5.96
CA LEU A 298 0.80 -17.86 -5.96
C LEU A 298 1.88 -17.17 -6.78
C LEU A 298 1.87 -17.15 -6.79
N ASN A 299 2.82 -16.51 -6.11
CA ASN A 299 3.89 -15.81 -6.80
C ASN A 299 4.87 -16.93 -7.22
N PRO A 300 5.91 -16.59 -7.99
CA PRO A 300 6.88 -17.59 -8.44
C PRO A 300 7.49 -18.51 -7.36
N ALA A 301 8.04 -17.91 -6.30
CA ALA A 301 8.65 -18.69 -5.23
C ALA A 301 7.66 -19.67 -4.58
N HIS A 302 6.44 -19.19 -4.32
CA HIS A 302 5.41 -20.03 -3.71
C HIS A 302 4.95 -21.10 -4.70
N ALA A 303 4.78 -20.72 -5.97
CA ALA A 303 4.33 -21.65 -6.99
C ALA A 303 5.31 -22.81 -7.17
N ARG A 304 6.60 -22.52 -7.11
CA ARG A 304 7.60 -23.57 -7.26
C ARG A 304 7.43 -24.61 -6.15
N ILE A 305 7.31 -24.14 -4.93
CA ILE A 305 7.15 -25.03 -3.78
C ILE A 305 5.93 -25.96 -3.94
N LEU A 306 4.76 -25.39 -4.23
CA LEU A 306 3.58 -26.21 -4.40
C LEU A 306 3.71 -27.19 -5.58
N LEU A 307 4.32 -26.75 -6.67
CA LEU A 307 4.49 -27.63 -7.83
C LEU A 307 5.36 -28.82 -7.47
N MET A 308 6.44 -28.58 -6.73
CA MET A 308 7.33 -29.65 -6.33
C MET A 308 6.56 -30.68 -5.51
N LEU A 309 5.74 -30.22 -4.57
CA LEU A 309 4.95 -31.11 -3.74
C LEU A 309 3.85 -31.80 -4.53
N ALA A 310 3.25 -31.09 -5.47
CA ALA A 310 2.19 -31.67 -6.30
C ALA A 310 2.76 -32.82 -7.13
N LEU A 311 3.97 -32.65 -7.64
CA LEU A 311 4.62 -33.65 -8.45
C LEU A 311 4.97 -34.93 -7.70
N THR A 312 4.98 -34.86 -6.38
CA THR A 312 5.28 -36.05 -5.57
C THR A 312 4.03 -36.93 -5.49
N ARG A 313 2.89 -36.41 -5.94
CA ARG A 313 1.65 -37.17 -5.88
C ARG A 313 1.00 -37.47 -7.22
N THR A 314 1.35 -36.69 -8.24
CA THR A 314 0.73 -36.88 -9.54
C THR A 314 1.41 -36.08 -10.64
N SER A 315 1.04 -36.38 -11.88
CA SER A 315 1.55 -35.70 -13.05
C SER A 315 0.35 -35.25 -13.88
N ASP A 316 -0.85 -35.55 -13.35
CA ASP A 316 -2.09 -35.17 -14.02
C ASP A 316 -2.27 -33.66 -13.90
N PRO A 317 -2.24 -32.95 -15.03
CA PRO A 317 -2.39 -31.49 -15.07
C PRO A 317 -3.68 -30.97 -14.44
N LYS A 318 -4.78 -31.70 -14.63
CA LYS A 318 -6.06 -31.28 -14.07
C LYS A 318 -6.02 -31.33 -12.54
N VAL A 319 -5.35 -32.36 -12.01
CA VAL A 319 -5.25 -32.50 -10.56
C VAL A 319 -4.33 -31.42 -10.01
N ILE A 320 -3.22 -31.18 -10.70
CA ILE A 320 -2.26 -30.17 -10.28
C ILE A 320 -2.93 -28.80 -10.28
N GLN A 321 -3.70 -28.52 -11.32
CA GLN A 321 -4.39 -27.24 -11.41
C GLN A 321 -5.32 -27.01 -10.21
N GLU A 322 -6.00 -28.06 -9.77
CA GLU A 322 -6.92 -27.95 -8.63
C GLU A 322 -6.15 -27.63 -7.35
N TYR A 323 -4.96 -28.22 -7.21
CA TYR A 323 -4.14 -27.97 -6.04
C TYR A 323 -3.84 -26.47 -5.95
N PHE A 324 -3.49 -25.88 -7.09
CA PHE A 324 -3.17 -24.46 -7.11
C PHE A 324 -4.34 -23.54 -6.79
N HIS A 325 -5.57 -24.05 -6.97
CA HIS A 325 -6.76 -23.25 -6.66
C HIS A 325 -7.26 -23.50 -5.24
N THR A 326 -6.68 -24.46 -4.55
CA THR A 326 -7.14 -24.78 -3.20
C THR A 326 -6.08 -24.70 -2.09
N TYR A 327 -4.81 -24.67 -2.48
CA TYR A 327 -3.73 -24.60 -1.51
C TYR A 327 -3.04 -23.24 -1.48
N LEU B 4 33.04 17.53 8.52
CA LEU B 4 31.84 17.27 9.36
C LEU B 4 30.95 18.50 9.49
N PRO B 5 29.70 18.40 9.01
CA PRO B 5 28.77 19.52 9.09
C PRO B 5 28.36 19.82 10.53
N ASN B 6 27.98 21.07 10.78
CA ASN B 6 27.55 21.50 12.10
C ASN B 6 26.03 21.36 12.18
N ILE B 7 25.58 20.38 12.97
CA ILE B 7 24.15 20.14 13.12
C ILE B 7 23.65 20.40 14.54
N VAL B 8 22.60 21.20 14.64
CA VAL B 8 22.00 21.50 15.93
C VAL B 8 20.77 20.61 16.11
N ILE B 9 20.74 19.87 17.20
CA ILE B 9 19.62 18.99 17.49
C ILE B 9 18.70 19.65 18.51
N LEU B 10 17.48 19.98 18.08
CA LEU B 10 16.49 20.60 18.95
C LEU B 10 15.48 19.58 19.43
N ALA B 11 15.41 19.39 20.75
CA ALA B 11 14.47 18.44 21.33
C ALA B 11 13.20 19.16 21.77
N THR B 12 12.05 18.56 21.51
CA THR B 12 10.77 19.14 21.89
C THR B 12 10.02 18.16 22.78
N GLY B 13 10.42 16.89 22.71
CA GLY B 13 9.79 15.83 23.47
C GLY B 13 9.60 14.63 22.56
N GLY B 14 8.87 13.62 23.02
CA GLY B 14 8.65 12.45 22.17
C GLY B 14 9.15 11.13 22.73
N THR B 15 8.55 10.04 22.23
CA THR B 15 8.88 8.68 22.65
C THR B 15 10.35 8.32 22.36
N ILE B 16 10.98 9.06 21.45
CA ILE B 16 12.36 8.81 21.06
C ILE B 16 13.34 8.97 22.23
N ALA B 17 12.86 9.57 23.32
CA ALA B 17 13.68 9.78 24.52
C ALA B 17 12.89 9.45 25.78
N GLY B 35 18.38 15.80 28.83
CA GLY B 35 17.37 15.33 27.84
C GLY B 35 17.99 15.14 26.47
N VAL B 36 18.22 16.24 25.76
CA VAL B 36 18.81 16.19 24.44
C VAL B 36 20.25 15.67 24.52
N ASP B 37 20.92 15.98 25.63
CA ASP B 37 22.29 15.52 25.82
C ASP B 37 22.31 14.02 26.08
N THR B 38 21.30 13.54 26.81
CA THR B 38 21.19 12.12 27.10
C THR B 38 20.98 11.40 25.78
N LEU B 39 20.15 12.01 24.93
CA LEU B 39 19.84 11.46 23.63
C LEU B 39 21.11 11.37 22.78
N ILE B 40 21.92 12.43 22.82
CA ILE B 40 23.16 12.47 22.06
C ILE B 40 24.20 11.48 22.57
N ASN B 41 24.42 11.45 23.89
CA ASN B 41 25.39 10.52 24.45
C ASN B 41 24.91 9.08 24.28
N ALA B 42 23.59 8.91 24.19
CA ALA B 42 22.99 7.59 24.01
C ALA B 42 23.33 7.02 22.64
N VAL B 43 23.48 7.90 21.66
CA VAL B 43 23.81 7.47 20.30
C VAL B 43 25.06 8.22 19.83
N PRO B 44 26.22 7.89 20.42
CA PRO B 44 27.50 8.53 20.08
C PRO B 44 27.87 8.44 18.60
N GLU B 45 27.33 7.45 17.90
CA GLU B 45 27.61 7.26 16.49
C GLU B 45 27.30 8.49 15.66
N VAL B 46 26.46 9.38 16.21
CA VAL B 46 26.08 10.60 15.51
C VAL B 46 27.25 11.57 15.36
N LYS B 47 28.08 11.66 16.39
CA LYS B 47 29.21 12.57 16.37
C LYS B 47 30.27 12.20 15.33
N LYS B 48 30.03 11.11 14.61
CA LYS B 48 30.95 10.66 13.58
C LYS B 48 30.40 11.11 12.22
N LEU B 49 29.16 11.59 12.23
CA LEU B 49 28.49 12.05 11.02
C LEU B 49 28.48 13.57 10.95
N ALA B 50 28.67 14.22 12.10
CA ALA B 50 28.67 15.67 12.15
C ALA B 50 29.08 16.18 13.52
N ASN B 51 29.25 17.49 13.63
CA ASN B 51 29.60 18.13 14.90
C ASN B 51 28.25 18.52 15.47
N VAL B 52 27.77 17.76 16.43
CA VAL B 52 26.47 18.00 17.02
C VAL B 52 26.45 18.85 18.29
N LYS B 53 25.40 19.65 18.40
CA LYS B 53 25.17 20.52 19.56
C LYS B 53 23.70 20.37 19.92
N GLY B 54 23.42 20.00 21.16
CA GLY B 54 22.05 19.82 21.59
C GLY B 54 21.40 21.04 22.22
N GLU B 55 20.09 21.13 22.08
CA GLU B 55 19.32 22.24 22.63
C GLU B 55 17.93 21.72 23.01
N GLN B 56 17.55 21.91 24.28
CA GLN B 56 16.26 21.45 24.76
C GLN B 56 15.22 22.54 24.60
N PHE B 57 14.60 22.60 23.42
CA PHE B 57 13.60 23.61 23.12
C PHE B 57 12.40 23.48 24.06
N SER B 58 11.95 22.25 24.28
CA SER B 58 10.81 21.99 25.14
C SER B 58 10.74 20.49 25.45
N ASN B 59 9.82 20.11 26.33
CA ASN B 59 9.68 18.70 26.67
C ASN B 59 8.23 18.38 26.99
N MET B 60 7.52 17.85 26.00
N MET B 60 7.52 17.85 26.00
CA MET B 60 6.11 17.50 26.17
CA MET B 60 6.11 17.50 26.17
C MET B 60 5.71 16.47 25.12
C MET B 60 5.70 16.48 25.12
N ALA B 61 4.69 15.69 25.43
CA ALA B 61 4.19 14.68 24.49
C ALA B 61 3.63 15.49 23.33
N SER B 62 3.86 15.03 22.10
CA SER B 62 3.40 15.76 20.92
C SER B 62 1.91 16.06 20.88
N GLU B 63 1.11 15.27 21.59
CA GLU B 63 -0.34 15.52 21.58
C GLU B 63 -0.65 16.83 22.29
N ASN B 64 0.34 17.36 23.02
CA ASN B 64 0.18 18.63 23.72
C ASN B 64 0.90 19.79 23.03
N MET B 65 1.50 19.50 21.87
CA MET B 65 2.19 20.53 21.11
C MET B 65 1.13 21.51 20.62
N THR B 66 1.38 22.81 20.83
CA THR B 66 0.42 23.85 20.44
C THR B 66 0.96 24.79 19.37
N GLY B 67 0.05 25.41 18.63
CA GLY B 67 0.44 26.34 17.58
C GLY B 67 1.41 27.42 18.05
N ASP B 68 1.13 27.99 19.22
CA ASP B 68 1.98 29.03 19.77
C ASP B 68 3.40 28.51 19.98
N VAL B 69 3.51 27.26 20.41
CA VAL B 69 4.82 26.66 20.64
C VAL B 69 5.50 26.29 19.32
N VAL B 70 4.71 25.81 18.35
CA VAL B 70 5.26 25.47 17.05
C VAL B 70 5.73 26.75 16.38
N LEU B 71 4.99 27.84 16.61
N LEU B 71 4.99 27.84 16.61
CA LEU B 71 5.34 29.14 16.03
CA LEU B 71 5.34 29.14 16.03
C LEU B 71 6.73 29.54 16.53
C LEU B 71 6.73 29.54 16.53
N LYS B 72 6.94 29.43 17.84
CA LYS B 72 8.22 29.78 18.44
C LYS B 72 9.32 28.85 17.97
N LEU B 73 8.99 27.58 17.72
CA LEU B 73 9.97 26.62 17.25
C LEU B 73 10.44 27.06 15.86
N SER B 74 9.50 27.47 15.03
N SER B 74 9.49 27.46 15.03
CA SER B 74 9.84 27.90 13.67
CA SER B 74 9.79 27.91 13.68
C SER B 74 10.73 29.13 13.71
C SER B 74 10.71 29.12 13.71
N GLN B 75 10.40 30.08 14.58
CA GLN B 75 11.19 31.29 14.71
C GLN B 75 12.61 30.98 15.19
N ARG B 76 12.72 30.04 16.12
CA ARG B 76 14.03 29.64 16.62
C ARG B 76 14.85 28.97 15.53
N VAL B 77 14.21 28.09 14.76
CA VAL B 77 14.90 27.40 13.66
C VAL B 77 15.39 28.40 12.61
N ASN B 78 14.58 29.41 12.32
CA ASN B 78 15.00 30.42 11.34
C ASN B 78 16.24 31.13 11.88
N GLU B 79 16.16 31.50 13.16
CA GLU B 79 17.25 32.18 13.86
C GLU B 79 18.53 31.34 13.75
N LEU B 80 18.40 30.05 14.05
CA LEU B 80 19.51 29.12 14.00
C LEU B 80 20.11 28.95 12.60
N LEU B 81 19.25 28.79 11.60
CA LEU B 81 19.70 28.59 10.22
C LEU B 81 20.31 29.83 9.57
N ALA B 82 20.06 31.01 10.12
CA ALA B 82 20.61 32.25 9.57
C ALA B 82 22.10 32.36 9.91
N ARG B 83 22.54 31.54 10.87
CA ARG B 83 23.94 31.54 11.30
C ARG B 83 24.82 30.76 10.33
N ASP B 84 26.02 31.28 10.06
CA ASP B 84 26.95 30.61 9.16
C ASP B 84 27.52 29.35 9.78
N ASP B 85 27.55 29.29 11.11
CA ASP B 85 28.09 28.13 11.82
C ASP B 85 27.10 26.99 12.00
N VAL B 86 25.94 27.09 11.35
CA VAL B 86 24.93 26.04 11.43
C VAL B 86 24.59 25.56 10.03
N ASP B 87 24.81 24.28 9.76
CA ASP B 87 24.54 23.72 8.45
C ASP B 87 23.16 23.08 8.33
N GLY B 88 22.58 22.71 9.46
CA GLY B 88 21.27 22.09 9.45
C GLY B 88 20.73 21.83 10.83
N VAL B 89 19.48 21.39 10.91
CA VAL B 89 18.85 21.11 12.19
C VAL B 89 18.07 19.79 12.17
N VAL B 90 18.08 19.11 13.31
CA VAL B 90 17.35 17.86 13.48
C VAL B 90 16.45 18.16 14.67
N ILE B 91 15.16 17.94 14.51
CA ILE B 91 14.23 18.20 15.59
C ILE B 91 13.55 16.91 16.05
N THR B 92 13.78 16.53 17.30
CA THR B 92 13.16 15.32 17.85
C THR B 92 11.76 15.75 18.27
N HIS B 93 10.77 14.93 17.93
CA HIS B 93 9.38 15.27 18.20
C HIS B 93 8.59 13.98 18.40
N GLY B 94 7.42 14.08 19.03
CA GLY B 94 6.61 12.89 19.21
C GLY B 94 6.01 12.56 17.86
N THR B 95 5.69 11.29 17.63
CA THR B 95 5.12 10.88 16.35
C THR B 95 3.67 11.30 16.11
N ASP B 96 2.89 11.45 17.17
CA ASP B 96 1.48 11.79 17.04
C ASP B 96 1.14 13.03 16.23
N THR B 97 1.84 14.14 16.47
CA THR B 97 1.56 15.37 15.74
C THR B 97 2.77 15.91 14.98
N VAL B 98 3.76 15.07 14.73
CA VAL B 98 4.93 15.56 14.02
C VAL B 98 4.57 16.06 12.61
N GLU B 99 3.57 15.47 11.96
CA GLU B 99 3.20 15.91 10.62
C GLU B 99 2.68 17.35 10.65
N GLU B 100 2.08 17.75 11.76
CA GLU B 100 1.55 19.09 11.91
C GLU B 100 2.69 20.09 12.13
N SER B 101 3.57 19.77 13.07
CA SER B 101 4.71 20.65 13.36
C SER B 101 5.65 20.77 12.15
N ALA B 102 5.95 19.64 11.52
CA ALA B 102 6.84 19.65 10.36
C ALA B 102 6.28 20.47 9.20
N TYR B 103 4.98 20.32 8.91
CA TYR B 103 4.37 21.06 7.80
C TYR B 103 4.35 22.56 8.10
N PHE B 104 4.17 22.91 9.37
CA PHE B 104 4.16 24.31 9.77
C PHE B 104 5.52 24.91 9.40
N LEU B 105 6.61 24.27 9.84
CA LEU B 105 7.94 24.77 9.53
C LEU B 105 8.26 24.68 8.04
N HIS B 106 7.60 23.75 7.35
CA HIS B 106 7.78 23.55 5.91
C HIS B 106 7.38 24.85 5.21
N LEU B 107 6.36 25.50 5.75
CA LEU B 107 5.82 26.73 5.18
C LEU B 107 6.46 28.00 5.72
N THR B 108 7.10 27.92 6.88
CA THR B 108 7.65 29.10 7.52
C THR B 108 9.16 29.26 7.68
N VAL B 109 9.92 28.19 7.47
CA VAL B 109 11.38 28.28 7.60
C VAL B 109 11.96 28.77 6.28
N LYS B 110 12.46 30.00 6.29
CA LYS B 110 13.01 30.61 5.08
C LYS B 110 14.49 30.32 4.91
N SER B 111 14.80 29.06 4.61
CA SER B 111 16.18 28.63 4.42
C SER B 111 16.19 27.31 3.64
N ASP B 112 17.25 27.08 2.88
CA ASP B 112 17.37 25.86 2.10
C ASP B 112 18.18 24.82 2.88
N LYS B 113 18.70 25.22 4.04
CA LYS B 113 19.46 24.30 4.87
C LYS B 113 18.48 23.24 5.37
N PRO B 114 18.93 21.98 5.47
CA PRO B 114 18.04 20.90 5.92
C PRO B 114 17.45 21.05 7.32
N VAL B 115 16.15 20.81 7.41
CA VAL B 115 15.39 20.83 8.66
C VAL B 115 14.78 19.43 8.67
N VAL B 116 15.26 18.57 9.55
CA VAL B 116 14.78 17.20 9.60
C VAL B 116 14.14 16.80 10.93
N PHE B 117 12.84 16.51 10.89
CA PHE B 117 12.16 16.07 12.09
C PHE B 117 12.43 14.56 12.21
N VAL B 118 12.57 14.10 13.44
CA VAL B 118 12.81 12.68 13.69
C VAL B 118 11.97 12.29 14.90
N ALA B 119 11.56 11.03 14.92
CA ALA B 119 10.71 10.54 16.01
C ALA B 119 10.92 9.04 16.17
N ALA B 120 10.18 8.44 17.10
CA ALA B 120 10.30 7.01 17.36
C ALA B 120 8.96 6.42 17.80
N MET B 121 8.59 5.29 17.21
CA MET B 121 7.33 4.65 17.55
C MET B 121 7.41 3.80 18.81
N ARG B 122 8.61 3.42 19.21
CA ARG B 122 8.80 2.62 20.42
C ARG B 122 9.58 3.43 21.45
N PRO B 123 9.24 3.30 22.74
CA PRO B 123 9.95 4.05 23.77
C PRO B 123 11.45 3.72 23.75
N ALA B 124 12.28 4.70 24.13
CA ALA B 124 13.72 4.52 24.12
C ALA B 124 14.23 3.34 24.95
N THR B 125 13.38 2.83 25.84
CA THR B 125 13.75 1.72 26.70
C THR B 125 13.23 0.36 26.22
N ALA B 126 12.45 0.35 25.14
CA ALA B 126 11.90 -0.89 24.63
C ALA B 126 12.96 -1.69 23.89
N ILE B 127 12.79 -3.01 23.80
CA ILE B 127 13.75 -3.80 23.06
C ILE B 127 13.50 -3.46 21.59
N SER B 128 14.57 -3.42 20.80
CA SER B 128 14.45 -3.08 19.39
C SER B 128 13.87 -1.68 19.20
N ALA B 129 14.20 -0.77 20.12
CA ALA B 129 13.72 0.61 20.02
C ALA B 129 14.21 1.17 18.69
N ASP B 130 13.33 1.85 17.96
CA ASP B 130 13.68 2.40 16.66
C ASP B 130 14.36 3.78 16.72
N GLY B 131 14.22 4.45 17.87
CA GLY B 131 14.80 5.77 18.03
C GLY B 131 16.26 5.96 17.66
N PRO B 132 17.18 5.12 18.16
CA PRO B 132 18.60 5.27 17.81
C PRO B 132 18.90 5.34 16.31
N MET B 133 18.41 4.37 15.56
N MET B 133 18.42 4.37 15.55
CA MET B 133 18.66 4.35 14.12
CA MET B 133 18.63 4.33 14.11
C MET B 133 17.96 5.51 13.42
C MET B 133 17.97 5.53 13.43
N ASN B 134 16.77 5.88 13.88
CA ASN B 134 16.04 7.00 13.29
C ASN B 134 16.87 8.27 13.44
N LEU B 135 17.41 8.50 14.62
CA LEU B 135 18.22 9.69 14.88
C LEU B 135 19.47 9.73 14.01
N LEU B 136 20.16 8.59 13.92
N LEU B 136 20.15 8.58 13.91
CA LEU B 136 21.37 8.52 13.11
CA LEU B 136 21.37 8.48 13.12
C LEU B 136 21.09 8.86 11.65
C LEU B 136 21.11 8.81 11.64
N GLU B 137 19.96 8.36 11.14
CA GLU B 137 19.58 8.63 9.77
C GLU B 137 19.20 10.09 9.57
N ALA B 138 18.55 10.66 10.59
CA ALA B 138 18.13 12.06 10.54
C ALA B 138 19.34 13.00 10.50
N VAL B 139 20.37 12.66 11.26
CA VAL B 139 21.58 13.49 11.29
C VAL B 139 22.31 13.36 9.96
N ARG B 140 22.42 12.14 9.44
CA ARG B 140 23.09 11.93 8.16
C ARG B 140 22.36 12.72 7.07
N VAL B 141 21.03 12.69 7.08
CA VAL B 141 20.25 13.42 6.10
C VAL B 141 20.46 14.93 6.27
N ALA B 142 20.38 15.40 7.52
CA ALA B 142 20.54 16.81 7.81
C ALA B 142 21.93 17.35 7.42
N GLY B 143 22.94 16.49 7.47
CA GLY B 143 24.29 16.93 7.14
C GLY B 143 24.74 16.72 5.70
N ASP B 144 23.89 16.12 4.88
CA ASP B 144 24.27 15.89 3.49
C ASP B 144 23.96 17.12 2.64
N LYS B 145 24.96 17.60 1.89
CA LYS B 145 24.77 18.76 1.03
C LYS B 145 23.69 18.49 -0.01
N GLN B 146 23.54 17.22 -0.36
CA GLN B 146 22.55 16.79 -1.34
C GLN B 146 21.14 16.98 -0.81
N SER B 147 21.01 17.20 0.50
CA SER B 147 19.70 17.37 1.14
C SER B 147 19.14 18.79 1.13
N ARG B 148 19.89 19.74 0.57
CA ARG B 148 19.44 21.12 0.54
C ARG B 148 18.29 21.42 -0.40
N GLY B 149 17.47 22.40 -0.02
CA GLY B 149 16.34 22.83 -0.82
C GLY B 149 15.23 21.83 -1.12
N ARG B 150 15.02 20.87 -0.22
CA ARG B 150 14.00 19.85 -0.43
C ARG B 150 12.75 20.06 0.43
N GLY B 151 12.74 21.13 1.21
CA GLY B 151 11.62 21.39 2.09
C GLY B 151 11.84 20.63 3.39
N VAL B 152 10.96 20.81 4.36
CA VAL B 152 11.11 20.11 5.63
C VAL B 152 10.86 18.61 5.45
N MET B 153 11.67 17.81 6.13
CA MET B 153 11.56 16.36 6.02
C MET B 153 11.30 15.68 7.35
N VAL B 154 10.77 14.47 7.28
CA VAL B 154 10.50 13.66 8.47
C VAL B 154 11.21 12.34 8.22
N VAL B 155 12.23 12.05 9.03
CA VAL B 155 13.00 10.82 8.86
C VAL B 155 12.69 9.82 9.97
N ILE B 156 12.41 8.58 9.55
CA ILE B 156 12.09 7.49 10.45
C ILE B 156 11.93 6.20 9.64
N ASN B 157 12.35 5.09 10.22
CA ASN B 157 12.25 3.79 9.56
C ASN B 157 12.86 3.74 8.16
N ASP B 158 14.09 4.25 8.05
CA ASP B 158 14.82 4.26 6.77
C ASP B 158 14.19 5.09 5.66
N ARG B 159 13.14 5.84 5.96
CA ARG B 159 12.46 6.65 4.94
C ARG B 159 12.58 8.15 5.18
N ILE B 160 12.55 8.91 4.09
CA ILE B 160 12.61 10.37 4.14
C ILE B 160 11.32 10.90 3.53
N GLY B 161 10.42 11.41 4.36
CA GLY B 161 9.16 11.92 3.84
C GLY B 161 9.05 13.43 3.86
N SER B 162 8.37 13.99 2.86
CA SER B 162 8.15 15.42 2.79
C SER B 162 7.07 15.81 3.81
N ALA B 163 7.29 16.90 4.53
CA ALA B 163 6.31 17.35 5.53
C ALA B 163 4.92 17.57 4.92
N ARG B 164 4.89 17.91 3.64
CA ARG B 164 3.61 18.17 2.95
C ARG B 164 2.78 16.92 2.64
N TYR B 165 3.45 15.79 2.47
CA TYR B 165 2.78 14.55 2.12
C TYR B 165 2.76 13.49 3.22
N ILE B 166 3.85 13.38 3.96
CA ILE B 166 3.96 12.36 5.00
C ILE B 166 2.92 12.51 6.12
N THR B 167 2.46 11.37 6.63
CA THR B 167 1.47 11.37 7.70
C THR B 167 1.52 10.04 8.43
N LYS B 168 1.15 10.06 9.72
CA LYS B 168 1.15 8.84 10.51
C LYS B 168 -0.13 8.11 10.07
N THR B 169 0.02 7.00 9.35
CA THR B 169 -1.13 6.25 8.85
C THR B 169 -1.58 5.10 9.74
N ASN B 170 -0.76 4.73 10.72
CA ASN B 170 -1.08 3.64 11.62
C ASN B 170 -0.89 4.06 13.06
N ALA B 171 -1.80 3.65 13.93
CA ALA B 171 -1.72 4.01 15.34
C ALA B 171 -0.48 3.52 16.07
N SER B 172 0.00 2.32 15.74
CA SER B 172 1.11 1.74 16.51
C SER B 172 2.29 1.05 15.83
N THR B 173 2.36 1.03 14.50
CA THR B 173 3.47 0.33 13.84
C THR B 173 4.71 1.17 13.56
N LEU B 174 5.85 0.49 13.41
CA LEU B 174 7.11 1.17 13.14
C LEU B 174 7.09 1.86 11.77
N ASP B 175 6.39 1.24 10.82
CA ASP B 175 6.30 1.74 9.46
C ASP B 175 5.07 2.62 9.19
N THR B 176 4.53 3.21 10.25
CA THR B 176 3.33 4.05 10.16
C THR B 176 3.41 5.25 9.21
N PHE B 177 4.54 5.94 9.17
CA PHE B 177 4.66 7.10 8.30
C PHE B 177 4.78 6.73 6.83
N ARG B 178 3.79 7.17 6.07
CA ARG B 178 3.71 6.90 4.64
C ARG B 178 2.96 8.01 3.91
N ALA B 179 3.23 8.12 2.62
CA ALA B 179 2.57 9.07 1.74
C ALA B 179 2.17 8.13 0.61
N ASN B 180 1.04 7.45 0.79
CA ASN B 180 0.57 6.45 -0.17
C ASN B 180 0.62 6.85 -1.64
N GLU B 181 0.12 8.03 -1.96
CA GLU B 181 0.08 8.47 -3.35
C GLU B 181 1.31 9.23 -3.83
N GLU B 182 2.05 9.83 -2.91
CA GLU B 182 3.22 10.64 -3.28
C GLU B 182 4.57 10.01 -2.98
N GLY B 183 4.57 8.90 -2.23
CA GLY B 183 5.82 8.23 -1.92
C GLY B 183 6.76 9.04 -1.02
N TYR B 184 8.00 8.57 -0.92
CA TYR B 184 9.02 9.22 -0.11
C TYR B 184 9.98 10.04 -0.97
N LEU B 185 10.56 11.10 -0.38
CA LEU B 185 11.52 11.92 -1.11
C LEU B 185 12.76 11.07 -1.33
N GLY B 186 13.02 10.18 -0.38
CA GLY B 186 14.17 9.30 -0.48
C GLY B 186 14.17 8.25 0.61
N VAL B 187 15.23 7.46 0.66
CA VAL B 187 15.36 6.42 1.67
C VAL B 187 16.81 6.31 2.10
N ILE B 188 17.04 5.74 3.27
CA ILE B 188 18.40 5.55 3.77
C ILE B 188 18.62 4.07 3.99
N ILE B 189 19.49 3.48 3.16
CA ILE B 189 19.79 2.06 3.25
C ILE B 189 21.30 1.85 3.22
N GLY B 190 21.80 0.95 4.06
CA GLY B 190 23.22 0.68 4.10
C GLY B 190 24.02 1.95 4.31
N ASN B 191 23.52 2.82 5.18
CA ASN B 191 24.19 4.08 5.51
C ASN B 191 24.37 5.02 4.32
N ARG B 192 23.54 4.83 3.29
CA ARG B 192 23.61 5.67 2.11
C ARG B 192 22.24 6.26 1.81
N ILE B 193 22.22 7.53 1.42
CA ILE B 193 20.99 8.23 1.11
C ILE B 193 20.68 8.10 -0.38
N TYR B 194 19.43 7.71 -0.67
CA TYR B 194 18.98 7.55 -2.05
C TYR B 194 17.82 8.51 -2.24
N TYR B 195 18.06 9.62 -2.92
CA TYR B 195 16.98 10.59 -3.16
C TYR B 195 16.20 10.19 -4.41
N GLN B 196 14.89 10.10 -4.23
CA GLN B 196 13.98 9.68 -5.28
C GLN B 196 13.16 10.78 -5.94
N ASN B 197 12.63 11.69 -5.12
CA ASN B 197 11.79 12.78 -5.62
C ASN B 197 12.11 14.13 -5.02
N ARG B 198 11.59 15.16 -5.69
CA ARG B 198 11.67 16.54 -5.24
C ARG B 198 10.20 16.95 -5.30
N ILE B 199 9.66 17.39 -4.18
CA ILE B 199 8.26 17.78 -4.15
C ILE B 199 7.99 18.93 -5.12
N ASP B 200 6.89 18.84 -5.85
CA ASP B 200 6.53 19.88 -6.81
C ASP B 200 5.52 20.84 -6.18
N LYS B 201 5.93 21.46 -5.08
CA LYS B 201 5.09 22.42 -4.34
C LYS B 201 5.98 23.52 -3.76
N LEU B 202 5.37 24.65 -3.41
CA LEU B 202 6.11 25.77 -2.83
C LEU B 202 6.39 25.48 -1.36
N HIS B 203 7.53 25.97 -0.88
CA HIS B 203 7.91 25.76 0.50
C HIS B 203 9.15 26.57 0.86
N THR B 204 9.49 26.55 2.14
CA THR B 204 10.65 27.24 2.69
C THR B 204 11.02 28.57 2.03
N THR B 205 12.15 28.60 1.33
CA THR B 205 12.63 29.84 0.71
C THR B 205 11.69 30.46 -0.33
N ARG B 206 10.75 29.68 -0.86
CA ARG B 206 9.83 30.22 -1.85
C ARG B 206 8.41 30.38 -1.31
N SER B 207 8.29 30.40 0.01
CA SER B 207 6.99 30.55 0.65
C SER B 207 6.71 31.98 1.11
N VAL B 208 5.45 32.39 1.05
CA VAL B 208 5.04 33.73 1.46
C VAL B 208 4.70 33.76 2.94
N PHE B 209 4.67 32.60 3.58
CA PHE B 209 4.29 32.52 4.98
C PHE B 209 5.37 32.88 5.99
N ASP B 210 5.68 34.17 6.04
CA ASP B 210 6.68 34.70 6.96
C ASP B 210 5.96 35.06 8.26
N VAL B 211 6.31 34.38 9.35
CA VAL B 211 5.68 34.64 10.64
C VAL B 211 6.67 35.16 11.67
N ARG B 212 7.78 35.73 11.19
CA ARG B 212 8.81 36.27 12.07
C ARG B 212 8.25 37.16 13.19
N GLY B 213 7.31 38.01 12.85
CA GLY B 213 6.75 38.90 13.86
C GLY B 213 5.42 38.51 14.46
N LEU B 214 5.02 37.25 14.31
CA LEU B 214 3.76 36.79 14.86
C LEU B 214 3.94 36.21 16.26
N THR B 215 2.92 36.35 17.08
CA THR B 215 2.95 35.83 18.45
C THR B 215 1.75 34.93 18.69
N SER B 216 0.77 35.02 17.81
CA SER B 216 -0.45 34.22 17.91
C SER B 216 -0.91 33.74 16.54
N LEU B 217 -1.82 32.78 16.53
CA LEU B 217 -2.34 32.23 15.28
C LEU B 217 -3.87 32.18 15.28
N PRO B 218 -4.49 32.35 14.10
CA PRO B 218 -5.94 32.33 14.00
C PRO B 218 -6.49 30.97 14.45
N LYS B 219 -7.59 30.99 15.21
CA LYS B 219 -8.19 29.75 15.68
C LYS B 219 -8.83 28.97 14.54
N VAL B 220 -8.43 27.71 14.41
CA VAL B 220 -8.98 26.84 13.37
C VAL B 220 -9.28 25.46 13.97
N ASP B 221 -10.52 25.01 13.82
CA ASP B 221 -10.93 23.72 14.34
C ASP B 221 -11.26 22.73 13.22
N ILE B 222 -11.27 21.45 13.57
CA ILE B 222 -11.57 20.39 12.62
C ILE B 222 -12.82 19.66 13.07
N LEU B 223 -13.79 19.56 12.17
CA LEU B 223 -15.04 18.85 12.47
C LEU B 223 -15.12 17.66 11.53
N TYR B 224 -15.54 16.53 12.08
CA TYR B 224 -15.61 15.27 11.33
C TYR B 224 -16.90 15.13 10.53
N GLY B 225 -16.79 14.39 9.41
CA GLY B 225 -17.94 14.13 8.57
C GLY B 225 -18.32 12.66 8.69
N TYR B 226 -19.58 12.39 8.98
CA TYR B 226 -20.08 11.02 9.15
C TYR B 226 -21.61 11.01 9.16
N GLN B 227 -22.20 9.82 9.06
CA GLN B 227 -23.65 9.72 9.07
C GLN B 227 -24.19 10.35 10.35
N ASP B 228 -25.26 11.13 10.21
CA ASP B 228 -25.90 11.80 11.35
C ASP B 228 -25.04 12.90 11.98
N ASP B 229 -24.03 13.39 11.26
CA ASP B 229 -23.18 14.44 11.84
C ASP B 229 -24.05 15.63 12.25
N PRO B 230 -23.84 16.15 13.46
CA PRO B 230 -24.57 17.27 14.05
C PRO B 230 -24.22 18.68 13.59
N GLU B 231 -25.26 19.46 13.35
CA GLU B 231 -25.10 20.84 12.94
C GLU B 231 -24.62 21.67 14.13
N TYR B 232 -25.04 21.30 15.34
CA TYR B 232 -24.66 22.07 16.51
C TYR B 232 -23.18 22.23 16.77
N LEU B 233 -22.35 21.32 16.25
CA LEU B 233 -20.91 21.46 16.47
C LEU B 233 -20.38 22.65 15.67
N TYR B 234 -21.03 22.97 14.55
CA TYR B 234 -20.61 24.11 13.76
C TYR B 234 -21.00 25.36 14.56
N ASP B 235 -22.21 25.34 15.12
CA ASP B 235 -22.68 26.46 15.93
C ASP B 235 -21.72 26.71 17.09
N ALA B 236 -21.28 25.64 17.73
CA ALA B 236 -20.35 25.71 18.85
C ALA B 236 -19.03 26.36 18.44
N ALA B 237 -18.48 25.92 17.32
CA ALA B 237 -17.22 26.47 16.82
C ALA B 237 -17.40 27.97 16.54
N ILE B 238 -18.50 28.32 15.89
CA ILE B 238 -18.77 29.72 15.58
C ILE B 238 -18.87 30.53 16.87
N GLN B 239 -19.64 30.01 17.82
CA GLN B 239 -19.83 30.69 19.10
C GLN B 239 -18.50 30.90 19.82
N HIS B 240 -17.54 30.02 19.59
CA HIS B 240 -16.24 30.14 20.24
C HIS B 240 -15.17 30.90 19.46
N GLY B 241 -15.61 31.67 18.48
CA GLY B 241 -14.71 32.49 17.70
C GLY B 241 -13.71 31.90 16.72
N VAL B 242 -13.96 30.71 16.20
CA VAL B 242 -13.00 30.15 15.24
C VAL B 242 -13.01 31.07 14.00
N LYS B 243 -11.87 31.18 13.35
CA LYS B 243 -11.75 32.00 12.15
C LYS B 243 -11.84 31.11 10.92
N GLY B 244 -11.65 29.81 11.15
CA GLY B 244 -11.72 28.85 10.07
C GLY B 244 -12.11 27.47 10.57
N ILE B 245 -12.77 26.70 9.70
CA ILE B 245 -13.17 25.34 10.05
C ILE B 245 -12.69 24.41 8.96
N VAL B 246 -11.97 23.37 9.34
CA VAL B 246 -11.52 22.37 8.38
C VAL B 246 -12.47 21.20 8.55
N TYR B 247 -13.03 20.74 7.45
CA TYR B 247 -13.99 19.64 7.47
C TYR B 247 -13.37 18.33 6.97
N ALA B 248 -13.24 17.35 7.87
CA ALA B 248 -12.68 16.04 7.51
C ALA B 248 -13.90 15.30 6.96
N GLY B 249 -14.23 15.62 5.72
CA GLY B 249 -15.43 15.07 5.10
C GLY B 249 -15.54 13.63 4.64
N MET B 250 -16.80 13.26 4.39
CA MET B 250 -17.12 11.93 3.90
C MET B 250 -16.70 11.96 2.44
N GLY B 251 -15.93 10.95 2.01
CA GLY B 251 -15.47 10.92 0.63
C GLY B 251 -14.76 12.19 0.21
N ALA B 252 -15.11 12.71 -0.97
CA ALA B 252 -14.48 13.92 -1.49
C ALA B 252 -15.09 15.19 -0.91
N GLY B 253 -15.01 15.33 0.41
CA GLY B 253 -15.55 16.50 1.08
C GLY B 253 -17.07 16.64 0.98
N SER B 254 -17.76 15.53 0.77
N SER B 254 -17.77 15.53 0.74
CA SER B 254 -19.22 15.55 0.67
CA SER B 254 -19.22 15.56 0.64
C SER B 254 -19.84 15.99 1.98
C SER B 254 -19.83 16.00 1.97
N VAL B 255 -20.93 16.74 1.90
CA VAL B 255 -21.60 17.25 3.09
C VAL B 255 -23.07 16.87 3.19
N SER B 256 -23.50 16.50 4.39
CA SER B 256 -24.89 16.13 4.63
C SER B 256 -25.70 17.42 4.73
N VAL B 257 -27.03 17.29 4.84
CA VAL B 257 -27.88 18.46 4.95
C VAL B 257 -27.57 19.23 6.22
N ARG B 258 -27.18 18.52 7.28
CA ARG B 258 -26.87 19.17 8.55
C ARG B 258 -25.50 19.86 8.47
N GLY B 259 -24.55 19.23 7.81
CA GLY B 259 -23.23 19.84 7.68
C GLY B 259 -23.26 21.08 6.81
N ILE B 260 -24.08 21.05 5.76
N ILE B 260 -24.08 21.04 5.76
CA ILE B 260 -24.14 22.20 4.87
CA ILE B 260 -24.18 22.18 4.87
C ILE B 260 -24.82 23.39 5.55
C ILE B 260 -24.79 23.38 5.58
N ALA B 261 -25.82 23.11 6.39
CA ALA B 261 -26.50 24.17 7.12
C ALA B 261 -25.49 24.78 8.09
N GLY B 262 -24.67 23.92 8.68
CA GLY B 262 -23.66 24.38 9.62
C GLY B 262 -22.59 25.20 8.92
N MET B 263 -22.18 24.77 7.73
CA MET B 263 -21.16 25.50 6.98
C MET B 263 -21.67 26.87 6.53
N ARG B 264 -22.93 26.91 6.12
CA ARG B 264 -23.53 28.17 5.68
C ARG B 264 -23.64 29.15 6.83
N LYS B 265 -23.97 28.65 8.02
CA LYS B 265 -24.05 29.55 9.18
C LYS B 265 -22.65 30.07 9.48
N ALA B 266 -21.65 29.23 9.30
CA ALA B 266 -20.26 29.61 9.55
C ALA B 266 -19.84 30.69 8.55
N LEU B 267 -20.19 30.50 7.28
CA LEU B 267 -19.85 31.46 6.23
C LEU B 267 -20.56 32.79 6.48
N GLU B 268 -21.82 32.70 6.93
CA GLU B 268 -22.60 33.90 7.22
C GLU B 268 -21.95 34.68 8.34
N LYS B 269 -21.25 33.97 9.23
CA LYS B 269 -20.59 34.61 10.37
C LYS B 269 -19.11 34.94 10.14
N GLY B 270 -18.69 34.96 8.88
CA GLY B 270 -17.32 35.31 8.57
C GLY B 270 -16.24 34.25 8.72
N VAL B 271 -16.63 33.01 8.95
CA VAL B 271 -15.67 31.93 9.09
C VAL B 271 -15.30 31.37 7.72
N VAL B 272 -14.03 31.03 7.53
CA VAL B 272 -13.57 30.44 6.27
C VAL B 272 -13.74 28.93 6.41
N VAL B 273 -14.45 28.32 5.46
CA VAL B 273 -14.70 26.89 5.49
C VAL B 273 -13.87 26.15 4.46
N MET B 274 -13.12 25.16 4.91
CA MET B 274 -12.25 24.35 4.05
C MET B 274 -12.68 22.88 4.10
N ARG B 275 -13.08 22.34 2.96
CA ARG B 275 -13.52 20.95 2.90
C ARG B 275 -12.39 19.99 2.54
N SER B 276 -12.03 19.15 3.50
CA SER B 276 -10.99 18.14 3.30
C SER B 276 -11.70 16.78 3.32
N THR B 277 -10.96 15.73 3.65
CA THR B 277 -11.54 14.39 3.67
C THR B 277 -11.02 13.55 4.83
N ARG B 278 -11.87 12.65 5.32
CA ARG B 278 -11.52 11.76 6.41
C ARG B 278 -10.91 10.47 5.87
N THR B 279 -11.01 10.27 4.54
CA THR B 279 -10.52 9.05 3.92
C THR B 279 -9.04 8.74 4.19
N GLY B 280 -8.20 9.77 4.15
CA GLY B 280 -6.79 9.58 4.40
C GLY B 280 -5.86 9.90 3.24
N ASN B 281 -6.40 9.92 2.02
CA ASN B 281 -5.60 10.16 0.82
C ASN B 281 -6.43 10.80 -0.31
N GLY B 282 -5.74 11.37 -1.28
CA GLY B 282 -6.46 11.89 -2.43
C GLY B 282 -6.86 13.34 -2.54
N ILE B 283 -7.48 13.63 -3.68
CA ILE B 283 -7.92 14.97 -4.03
C ILE B 283 -9.38 15.26 -3.72
N VAL B 284 -9.63 16.38 -3.05
CA VAL B 284 -10.99 16.83 -2.81
C VAL B 284 -11.05 17.88 -3.91
N PRO B 285 -11.79 17.59 -5.00
CA PRO B 285 -11.93 18.50 -6.15
C PRO B 285 -12.85 19.69 -5.95
N PRO B 286 -12.66 20.73 -6.78
CA PRO B 286 -13.51 21.93 -6.69
C PRO B 286 -14.94 21.47 -7.01
N ASP B 287 -15.92 22.10 -6.38
CA ASP B 287 -17.32 21.77 -6.63
C ASP B 287 -18.13 23.06 -6.43
N GLU B 288 -18.57 23.66 -7.52
CA GLU B 288 -19.32 24.91 -7.46
C GLU B 288 -20.70 24.80 -6.82
N GLU B 289 -21.18 23.58 -6.61
CA GLU B 289 -22.49 23.38 -6.00
C GLU B 289 -22.42 23.12 -4.50
N LEU B 290 -21.21 23.22 -3.94
CA LEU B 290 -21.01 23.02 -2.51
C LEU B 290 -20.34 24.25 -1.91
N PRO B 291 -20.68 24.60 -0.67
CA PRO B 291 -20.07 25.76 -0.02
C PRO B 291 -18.63 25.47 0.42
N GLY B 292 -17.88 26.54 0.73
CA GLY B 292 -16.51 26.38 1.17
C GLY B 292 -15.47 26.13 0.10
N LEU B 293 -14.22 26.03 0.53
CA LEU B 293 -13.11 25.78 -0.38
C LEU B 293 -12.78 24.29 -0.30
N VAL B 294 -11.86 23.83 -1.14
CA VAL B 294 -11.46 22.43 -1.15
C VAL B 294 -9.98 22.34 -0.78
N SER B 295 -9.59 21.24 -0.14
CA SER B 295 -8.21 21.08 0.34
C SER B 295 -7.18 20.44 -0.59
N ASP B 296 -7.51 20.24 -1.86
CA ASP B 296 -6.55 19.62 -2.77
C ASP B 296 -6.24 18.25 -2.13
N SER B 297 -4.97 17.87 -2.02
CA SER B 297 -4.63 16.58 -1.41
C SER B 297 -4.18 16.71 0.05
N LEU B 298 -4.40 17.87 0.66
CA LEU B 298 -4.03 18.04 2.07
C LEU B 298 -5.04 17.36 2.98
N ASN B 299 -4.55 16.52 3.90
CA ASN B 299 -5.45 15.86 4.83
C ASN B 299 -5.91 16.88 5.89
N PRO B 300 -6.85 16.49 6.76
CA PRO B 300 -7.33 17.45 7.76
C PRO B 300 -6.27 18.14 8.62
N ALA B 301 -5.31 17.37 9.13
CA ALA B 301 -4.25 17.93 9.97
C ALA B 301 -3.40 18.94 9.21
N HIS B 302 -2.99 18.59 7.99
CA HIS B 302 -2.19 19.50 7.17
C HIS B 302 -3.02 20.72 6.76
N ALA B 303 -4.26 20.47 6.35
CA ALA B 303 -5.15 21.55 5.90
C ALA B 303 -5.34 22.60 7.00
N ARG B 304 -5.43 22.15 8.25
CA ARG B 304 -5.61 23.09 9.35
C ARG B 304 -4.37 23.99 9.49
N ILE B 305 -3.20 23.39 9.38
CA ILE B 305 -1.96 24.15 9.49
C ILE B 305 -1.86 25.22 8.39
N LEU B 306 -2.13 24.85 7.16
CA LEU B 306 -2.06 25.80 6.06
C LEU B 306 -3.15 26.87 6.17
N LEU B 307 -4.34 26.49 6.62
CA LEU B 307 -5.41 27.47 6.74
C LEU B 307 -5.11 28.50 7.82
N MET B 308 -4.54 28.06 8.93
N MET B 308 -4.54 28.07 8.93
CA MET B 308 -4.19 28.96 10.02
CA MET B 308 -4.20 28.99 10.01
C MET B 308 -3.19 30.00 9.52
C MET B 308 -3.19 30.01 9.51
N LEU B 309 -2.16 29.52 8.83
CA LEU B 309 -1.12 30.38 8.29
C LEU B 309 -1.68 31.32 7.23
N ALA B 310 -2.56 30.79 6.37
CA ALA B 310 -3.17 31.60 5.32
C ALA B 310 -3.95 32.76 5.92
N LEU B 311 -4.67 32.49 7.00
CA LEU B 311 -5.48 33.51 7.65
C LEU B 311 -4.66 34.64 8.27
N THR B 312 -3.36 34.43 8.47
CA THR B 312 -2.55 35.51 9.02
C THR B 312 -2.22 36.51 7.92
N ARG B 313 -2.42 36.09 6.67
CA ARG B 313 -2.12 36.95 5.52
C ARG B 313 -3.35 37.50 4.81
N THR B 314 -4.43 36.73 4.78
CA THR B 314 -5.64 37.15 4.08
C THR B 314 -6.88 36.38 4.52
N SER B 315 -8.04 36.87 4.09
CA SER B 315 -9.32 36.24 4.37
C SER B 315 -9.97 36.03 3.00
N ASP B 316 -9.21 36.33 1.95
CA ASP B 316 -9.68 36.21 0.57
C ASP B 316 -9.75 34.74 0.12
N PRO B 317 -10.97 34.21 -0.07
CA PRO B 317 -11.21 32.83 -0.50
C PRO B 317 -10.40 32.41 -1.73
N LYS B 318 -10.37 33.28 -2.74
CA LYS B 318 -9.61 32.98 -3.97
C LYS B 318 -8.13 32.78 -3.68
N VAL B 319 -7.56 33.66 -2.87
CA VAL B 319 -6.15 33.57 -2.52
C VAL B 319 -5.87 32.31 -1.70
N ILE B 320 -6.69 32.10 -0.67
CA ILE B 320 -6.53 30.93 0.18
C ILE B 320 -6.64 29.65 -0.66
N GLN B 321 -7.63 29.59 -1.55
CA GLN B 321 -7.81 28.42 -2.40
C GLN B 321 -6.56 28.16 -3.24
N GLU B 322 -5.96 29.21 -3.78
CA GLU B 322 -4.76 29.05 -4.59
C GLU B 322 -3.59 28.55 -3.73
N TYR B 323 -3.56 28.96 -2.46
CA TYR B 323 -2.51 28.49 -1.56
C TYR B 323 -2.62 26.97 -1.45
N PHE B 324 -3.85 26.49 -1.28
CA PHE B 324 -4.08 25.06 -1.14
C PHE B 324 -3.76 24.23 -2.39
N HIS B 325 -3.68 24.87 -3.54
CA HIS B 325 -3.33 24.17 -4.78
C HIS B 325 -1.85 24.28 -5.11
N THR B 326 -1.12 25.11 -4.36
CA THR B 326 0.29 25.32 -4.62
C THR B 326 1.26 25.00 -3.47
N TYR B 327 0.74 24.92 -2.24
CA TYR B 327 1.58 24.63 -1.07
C TYR B 327 1.35 23.23 -0.52
N LEU C 4 -5.28 24.67 -29.55
CA LEU C 4 -5.02 23.36 -28.88
C LEU C 4 -3.65 22.80 -29.25
N PRO C 5 -3.02 22.06 -28.32
CA PRO C 5 -1.70 21.49 -28.61
C PRO C 5 -1.80 20.38 -29.63
N ASN C 6 -0.74 20.20 -30.41
CA ASN C 6 -0.71 19.16 -31.42
C ASN C 6 -0.14 17.90 -30.80
N ILE C 7 -0.96 16.86 -30.73
CA ILE C 7 -0.54 15.59 -30.14
C ILE C 7 -0.62 14.43 -31.11
N VAL C 8 0.46 13.67 -31.20
CA VAL C 8 0.50 12.51 -32.06
C VAL C 8 0.31 11.28 -31.19
N ILE C 9 -0.64 10.43 -31.58
CA ILE C 9 -0.90 9.20 -30.85
C ILE C 9 -0.31 8.04 -31.64
N LEU C 10 0.73 7.43 -31.07
CA LEU C 10 1.39 6.28 -31.70
C LEU C 10 0.87 5.00 -31.09
N ALA C 11 0.22 4.17 -31.91
CA ALA C 11 -0.32 2.90 -31.45
C ALA C 11 0.68 1.77 -31.71
N THR C 12 0.89 0.92 -30.71
CA THR C 12 1.82 -0.20 -30.84
C THR C 12 1.12 -1.52 -30.60
N GLY C 13 -0.05 -1.46 -29.97
CA GLY C 13 -0.82 -2.65 -29.66
C GLY C 13 -1.28 -2.62 -28.21
N GLY C 14 -1.70 -3.76 -27.67
CA GLY C 14 -2.14 -3.80 -26.29
C GLY C 14 -3.64 -4.00 -26.08
N THR C 15 -4.00 -4.44 -24.88
CA THR C 15 -5.40 -4.69 -24.52
C THR C 15 -6.27 -3.45 -24.74
N ILE C 16 -5.64 -2.28 -24.78
CA ILE C 16 -6.35 -1.03 -24.98
C ILE C 16 -7.04 -0.99 -26.35
N ALA C 17 -6.73 -1.98 -27.19
CA ALA C 17 -7.33 -2.07 -28.52
C ALA C 17 -7.72 -3.52 -28.81
N GLY C 18 -7.89 -4.30 -27.74
CA GLY C 18 -8.26 -5.70 -27.88
C GLY C 18 -9.75 -5.92 -27.64
N LEU C 34 -7.97 -3.42 -32.80
CA LEU C 34 -8.61 -2.16 -33.30
C LEU C 34 -7.56 -1.14 -33.70
N GLY C 35 -7.84 -0.40 -34.78
CA GLY C 35 -6.91 0.60 -35.25
C GLY C 35 -6.85 1.81 -34.34
N VAL C 36 -5.84 2.66 -34.54
CA VAL C 36 -5.67 3.85 -33.72
C VAL C 36 -6.82 4.85 -33.95
N ASP C 37 -7.39 4.84 -35.15
CA ASP C 37 -8.49 5.74 -35.49
C ASP C 37 -9.76 5.34 -34.75
N THR C 38 -10.06 4.04 -34.76
CA THR C 38 -11.24 3.55 -34.08
C THR C 38 -11.07 3.84 -32.58
N LEU C 39 -9.82 3.86 -32.15
CA LEU C 39 -9.47 4.13 -30.77
C LEU C 39 -9.80 5.58 -30.40
N ILE C 40 -9.53 6.50 -31.33
CA ILE C 40 -9.81 7.91 -31.11
C ILE C 40 -11.31 8.20 -31.20
N ASN C 41 -11.98 7.61 -32.18
CA ASN C 41 -13.41 7.81 -32.38
C ASN C 41 -14.22 7.29 -31.19
N ALA C 42 -13.67 6.29 -30.50
CA ALA C 42 -14.34 5.72 -29.34
C ALA C 42 -14.39 6.74 -28.21
N VAL C 43 -13.46 7.69 -28.25
CA VAL C 43 -13.38 8.74 -27.23
C VAL C 43 -13.20 10.10 -27.92
N PRO C 44 -14.26 10.59 -28.57
CA PRO C 44 -14.27 11.88 -29.28
C PRO C 44 -13.82 13.04 -28.40
N GLU C 45 -13.99 12.87 -27.10
CA GLU C 45 -13.62 13.90 -26.14
C GLU C 45 -12.17 14.35 -26.24
N VAL C 46 -11.29 13.47 -26.73
CA VAL C 46 -9.88 13.86 -26.85
C VAL C 46 -9.70 15.00 -27.83
N LYS C 47 -10.54 15.04 -28.86
CA LYS C 47 -10.46 16.10 -29.87
C LYS C 47 -10.72 17.48 -29.28
N LYS C 48 -11.27 17.52 -28.08
CA LYS C 48 -11.56 18.78 -27.41
C LYS C 48 -10.35 19.24 -26.60
N LEU C 49 -9.46 18.29 -26.29
CA LEU C 49 -8.27 18.57 -25.52
C LEU C 49 -7.07 18.91 -26.39
N ALA C 50 -7.08 18.46 -27.65
CA ALA C 50 -5.98 18.73 -28.54
C ALA C 50 -6.22 18.32 -29.99
N ASN C 51 -5.28 18.70 -30.85
CA ASN C 51 -5.33 18.35 -32.26
C ASN C 51 -4.56 17.04 -32.35
N VAL C 52 -5.28 15.92 -32.31
CA VAL C 52 -4.62 14.63 -32.37
C VAL C 52 -4.44 14.08 -33.79
N LYS C 53 -3.33 13.39 -33.99
CA LYS C 53 -3.01 12.77 -35.27
C LYS C 53 -2.69 11.31 -34.95
N GLY C 54 -3.49 10.40 -35.51
CA GLY C 54 -3.28 8.99 -35.26
C GLY C 54 -2.21 8.38 -36.15
N GLU C 55 -1.45 7.44 -35.61
CA GLU C 55 -0.40 6.77 -36.35
C GLU C 55 -0.15 5.38 -35.78
N GLN C 56 -0.29 4.37 -36.64
CA GLN C 56 -0.07 2.99 -36.24
C GLN C 56 1.40 2.66 -36.40
N PHE C 57 2.13 2.64 -35.28
CA PHE C 57 3.56 2.32 -35.32
C PHE C 57 3.79 0.84 -35.49
N SER C 58 3.05 0.05 -34.71
CA SER C 58 3.15 -1.41 -34.76
C SER C 58 1.85 -1.98 -34.21
N ASN C 59 1.73 -3.30 -34.23
CA ASN C 59 0.53 -3.96 -33.75
C ASN C 59 0.88 -5.33 -33.19
N MET C 60 1.02 -5.39 -31.87
CA MET C 60 1.38 -6.64 -31.23
C MET C 60 1.14 -6.56 -29.72
N ALA C 61 0.97 -7.73 -29.10
CA ALA C 61 0.78 -7.80 -27.66
C ALA C 61 2.13 -7.38 -27.07
N SER C 62 2.11 -6.62 -25.98
CA SER C 62 3.35 -6.14 -25.39
C SER C 62 4.32 -7.22 -24.97
N GLU C 63 3.82 -8.44 -24.73
CA GLU C 63 4.72 -9.52 -24.33
C GLU C 63 5.63 -9.89 -25.50
N ASN C 64 5.26 -9.45 -26.70
CA ASN C 64 6.05 -9.72 -27.89
C ASN C 64 6.85 -8.51 -28.34
N MET C 65 6.78 -7.43 -27.57
CA MET C 65 7.52 -6.23 -27.91
C MET C 65 8.99 -6.57 -27.72
N THR C 66 9.82 -6.25 -28.71
CA THR C 66 11.25 -6.55 -28.67
C THR C 66 12.10 -5.29 -28.65
N GLY C 67 13.31 -5.42 -28.13
CA GLY C 67 14.23 -4.29 -28.05
C GLY C 67 14.48 -3.58 -29.38
N ASP C 68 14.60 -4.33 -30.46
CA ASP C 68 14.84 -3.71 -31.76
C ASP C 68 13.66 -2.83 -32.15
N VAL C 69 12.45 -3.27 -31.82
CA VAL C 69 11.26 -2.50 -32.14
C VAL C 69 11.17 -1.29 -31.20
N VAL C 70 11.49 -1.49 -29.93
CA VAL C 70 11.45 -0.41 -28.96
C VAL C 70 12.44 0.67 -29.37
N LEU C 71 13.60 0.25 -29.87
CA LEU C 71 14.63 1.20 -30.31
C LEU C 71 14.09 2.05 -31.46
N LYS C 72 13.38 1.41 -32.39
CA LYS C 72 12.80 2.11 -33.52
C LYS C 72 11.72 3.07 -33.04
N LEU C 73 10.96 2.63 -32.03
CA LEU C 73 9.90 3.46 -31.45
C LEU C 73 10.50 4.73 -30.88
N SER C 74 11.60 4.56 -30.15
CA SER C 74 12.27 5.71 -29.55
C SER C 74 12.77 6.69 -30.60
N GLN C 75 13.42 6.17 -31.64
CA GLN C 75 13.94 7.02 -32.70
C GLN C 75 12.79 7.75 -33.41
N ARG C 76 11.67 7.08 -33.58
CA ARG C 76 10.52 7.70 -34.24
C ARG C 76 9.98 8.84 -33.38
N VAL C 77 9.88 8.62 -32.07
CA VAL C 77 9.37 9.65 -31.16
C VAL C 77 10.32 10.84 -31.15
N ASN C 78 11.62 10.55 -31.19
CA ASN C 78 12.64 11.60 -31.20
C ASN C 78 12.42 12.49 -32.41
N GLU C 79 12.17 11.87 -33.56
CA GLU C 79 11.93 12.59 -34.80
C GLU C 79 10.72 13.52 -34.68
N LEU C 80 9.59 12.93 -34.28
CA LEU C 80 8.35 13.68 -34.13
C LEU C 80 8.50 14.88 -33.21
N LEU C 81 9.09 14.67 -32.03
CA LEU C 81 9.26 15.74 -31.06
C LEU C 81 10.25 16.82 -31.50
N ALA C 82 11.02 16.53 -32.55
CA ALA C 82 11.97 17.51 -33.07
C ALA C 82 11.24 18.54 -33.92
N ARG C 83 10.01 18.21 -34.32
CA ARG C 83 9.20 19.09 -35.15
C ARG C 83 8.48 20.15 -34.31
N ASP C 84 8.33 21.35 -34.87
CA ASP C 84 7.64 22.43 -34.17
C ASP C 84 6.13 22.22 -34.18
N ASP C 85 5.64 21.41 -35.11
CA ASP C 85 4.21 21.17 -35.20
C ASP C 85 3.77 19.96 -34.38
N VAL C 86 4.60 19.59 -33.40
CA VAL C 86 4.31 18.47 -32.50
C VAL C 86 4.67 18.89 -31.07
N ASP C 87 3.66 18.99 -30.20
CA ASP C 87 3.88 19.41 -28.82
C ASP C 87 4.02 18.27 -27.83
N GLY C 88 3.62 17.07 -28.24
CA GLY C 88 3.72 15.92 -27.36
C GLY C 88 3.27 14.64 -28.05
N VAL C 89 3.55 13.50 -27.43
CA VAL C 89 3.17 12.22 -28.01
C VAL C 89 2.56 11.30 -26.97
N VAL C 90 1.55 10.56 -27.39
CA VAL C 90 0.88 9.57 -26.54
C VAL C 90 1.11 8.25 -27.24
N ILE C 91 1.53 7.24 -26.49
CA ILE C 91 1.80 5.93 -27.07
C ILE C 91 0.94 4.85 -26.42
N THR C 92 0.02 4.28 -27.20
CA THR C 92 -0.84 3.22 -26.68
C THR C 92 0.05 1.98 -26.70
N HIS C 93 -0.02 1.19 -25.63
CA HIS C 93 0.87 0.05 -25.50
C HIS C 93 0.25 -1.00 -24.57
N GLY C 94 0.67 -2.25 -24.69
CA GLY C 94 0.16 -3.29 -23.82
C GLY C 94 0.66 -3.01 -22.41
N THR C 95 -0.09 -3.44 -21.40
CA THR C 95 0.32 -3.20 -20.01
C THR C 95 1.48 -4.07 -19.55
N ASP C 96 1.56 -5.31 -20.05
CA ASP C 96 2.60 -6.24 -19.62
C ASP C 96 4.03 -5.77 -19.64
N THR C 97 4.45 -5.08 -20.70
CA THR C 97 5.83 -4.61 -20.77
C THR C 97 5.96 -3.11 -21.01
N VAL C 98 4.88 -2.37 -20.74
CA VAL C 98 4.95 -0.93 -20.94
C VAL C 98 6.05 -0.29 -20.09
N GLU C 99 6.32 -0.84 -18.91
CA GLU C 99 7.36 -0.27 -18.05
C GLU C 99 8.75 -0.41 -18.68
N GLU C 100 8.93 -1.45 -19.49
CA GLU C 100 10.20 -1.66 -20.17
C GLU C 100 10.35 -0.66 -21.31
N SER C 101 9.34 -0.60 -22.18
CA SER C 101 9.38 0.33 -23.30
C SER C 101 9.43 1.78 -22.83
N ALA C 102 8.60 2.11 -21.85
CA ALA C 102 8.55 3.48 -21.32
C ALA C 102 9.90 3.93 -20.76
N TYR C 103 10.55 3.05 -20.00
CA TYR C 103 11.84 3.39 -19.42
C TYR C 103 12.91 3.50 -20.50
N PHE C 104 12.80 2.69 -21.56
CA PHE C 104 13.77 2.78 -22.64
C PHE C 104 13.74 4.20 -23.21
N LEU C 105 12.54 4.68 -23.56
CA LEU C 105 12.40 6.03 -24.10
C LEU C 105 12.75 7.10 -23.07
N HIS C 106 12.55 6.79 -21.80
CA HIS C 106 12.84 7.71 -20.71
C HIS C 106 14.33 8.09 -20.77
N LEU C 107 15.16 7.14 -21.16
CA LEU C 107 16.60 7.33 -21.24
C LEU C 107 17.12 7.75 -22.61
N THR C 108 16.31 7.55 -23.65
CA THR C 108 16.75 7.85 -25.01
C THR C 108 16.09 8.99 -25.79
N VAL C 109 14.95 9.47 -25.35
CA VAL C 109 14.27 10.57 -26.05
C VAL C 109 14.83 11.92 -25.58
N LYS C 110 15.56 12.59 -26.47
CA LYS C 110 16.18 13.88 -26.15
C LYS C 110 15.24 15.07 -26.38
N SER C 111 14.24 15.22 -25.53
CA SER C 111 13.29 16.32 -25.64
C SER C 111 12.58 16.49 -24.31
N ASP C 112 12.11 17.70 -24.05
CA ASP C 112 11.38 17.97 -22.81
C ASP C 112 9.88 17.89 -23.09
N LYS C 113 9.51 17.73 -24.36
CA LYS C 113 8.11 17.63 -24.73
C LYS C 113 7.56 16.34 -24.14
N PRO C 114 6.32 16.36 -23.63
CA PRO C 114 5.71 15.18 -23.03
C PRO C 114 5.62 13.93 -23.89
N VAL C 115 6.04 12.82 -23.30
CA VAL C 115 5.98 11.51 -23.94
C VAL C 115 5.16 10.72 -22.92
N VAL C 116 3.94 10.36 -23.29
CA VAL C 116 3.05 9.65 -22.38
C VAL C 116 2.58 8.30 -22.87
N PHE C 117 2.99 7.24 -22.17
CA PHE C 117 2.55 5.90 -22.52
C PHE C 117 1.20 5.70 -21.84
N VAL C 118 0.29 5.05 -22.54
CA VAL C 118 -1.03 4.77 -21.98
C VAL C 118 -1.39 3.33 -22.33
N ALA C 119 -2.19 2.70 -21.46
CA ALA C 119 -2.61 1.32 -21.67
C ALA C 119 -3.95 1.07 -20.99
N ALA C 120 -4.41 -0.17 -21.03
CA ALA C 120 -5.68 -0.55 -20.40
C ALA C 120 -5.62 -1.99 -19.91
N MET C 121 -6.12 -2.21 -18.70
CA MET C 121 -6.14 -3.55 -18.12
C MET C 121 -7.34 -4.37 -18.58
N ARG C 122 -8.35 -3.71 -19.13
CA ARG C 122 -9.54 -4.42 -19.62
C ARG C 122 -9.65 -4.20 -21.13
N PRO C 123 -10.12 -5.22 -21.87
CA PRO C 123 -10.26 -5.06 -23.31
C PRO C 123 -11.22 -3.93 -23.64
N ALA C 124 -11.01 -3.30 -24.79
CA ALA C 124 -11.84 -2.18 -25.24
C ALA C 124 -13.31 -2.54 -25.32
N THR C 125 -13.61 -3.82 -25.51
CA THR C 125 -14.99 -4.28 -25.64
C THR C 125 -15.60 -4.71 -24.31
N ALA C 126 -14.81 -4.67 -23.24
CA ALA C 126 -15.28 -5.09 -21.93
C ALA C 126 -16.17 -4.08 -21.21
N ILE C 127 -16.99 -4.59 -20.30
CA ILE C 127 -17.86 -3.76 -19.50
C ILE C 127 -16.96 -2.90 -18.61
N SER C 128 -17.25 -1.61 -18.53
CA SER C 128 -16.46 -0.68 -17.73
C SER C 128 -14.98 -0.67 -18.15
N ALA C 129 -14.75 -0.73 -19.46
CA ALA C 129 -13.38 -0.69 -19.98
C ALA C 129 -12.67 0.57 -19.50
N ASP C 130 -11.42 0.44 -19.08
CA ASP C 130 -10.65 1.58 -18.58
C ASP C 130 -9.92 2.38 -19.66
N GLY C 131 -9.67 1.75 -20.81
CA GLY C 131 -8.97 2.41 -21.90
C GLY C 131 -9.47 3.80 -22.27
N PRO C 132 -10.79 3.97 -22.45
CA PRO C 132 -11.31 5.29 -22.81
C PRO C 132 -10.84 6.44 -21.90
N MET C 133 -11.07 6.30 -20.59
N MET C 133 -11.07 6.29 -20.60
CA MET C 133 -10.65 7.34 -19.67
CA MET C 133 -10.67 7.31 -19.64
C MET C 133 -9.13 7.45 -19.58
C MET C 133 -9.15 7.45 -19.56
N ASN C 134 -8.44 6.32 -19.64
CA ASN C 134 -6.98 6.32 -19.59
C ASN C 134 -6.41 7.16 -20.74
N LEU C 135 -6.97 6.97 -21.93
CA LEU C 135 -6.53 7.68 -23.14
C LEU C 135 -6.82 9.17 -23.02
N LEU C 136 -8.00 9.50 -22.52
CA LEU C 136 -8.38 10.89 -22.35
C LEU C 136 -7.42 11.58 -21.40
N GLU C 137 -7.07 10.90 -20.32
CA GLU C 137 -6.15 11.46 -19.32
C GLU C 137 -4.75 11.60 -19.90
N ALA C 138 -4.32 10.60 -20.67
CA ALA C 138 -3.00 10.62 -21.27
C ALA C 138 -2.86 11.83 -22.21
N VAL C 139 -3.90 12.08 -23.01
CA VAL C 139 -3.85 13.21 -23.94
C VAL C 139 -3.83 14.52 -23.16
N ARG C 140 -4.61 14.59 -22.08
CA ARG C 140 -4.64 15.80 -21.27
C ARG C 140 -3.23 16.08 -20.72
N VAL C 141 -2.60 15.03 -20.21
CA VAL C 141 -1.26 15.14 -19.66
C VAL C 141 -0.25 15.55 -20.74
N ALA C 142 -0.33 14.89 -21.90
CA ALA C 142 0.59 15.20 -22.99
C ALA C 142 0.45 16.63 -23.51
N GLY C 143 -0.77 17.16 -23.48
CA GLY C 143 -0.99 18.51 -23.99
C GLY C 143 -0.83 19.65 -23.01
N ASP C 144 -0.65 19.34 -21.74
CA ASP C 144 -0.49 20.37 -20.73
C ASP C 144 0.96 20.86 -20.70
N LYS C 145 1.16 22.15 -20.89
CA LYS C 145 2.51 22.72 -20.90
C LYS C 145 3.22 22.51 -19.57
N GLN C 146 2.44 22.26 -18.52
CA GLN C 146 3.00 22.04 -17.21
C GLN C 146 3.65 20.65 -17.12
N SER C 147 3.37 19.81 -18.11
CA SER C 147 3.92 18.45 -18.13
C SER C 147 5.33 18.32 -18.71
N ARG C 148 5.90 19.44 -19.17
CA ARG C 148 7.23 19.41 -19.77
C ARG C 148 8.37 19.12 -18.79
N GLY C 149 9.43 18.48 -19.32
CA GLY C 149 10.61 18.15 -18.54
C GLY C 149 10.44 17.24 -17.33
N ARG C 150 9.46 16.35 -17.39
CA ARG C 150 9.21 15.45 -16.28
C ARG C 150 9.67 14.02 -16.54
N GLY C 151 10.24 13.79 -17.72
CA GLY C 151 10.68 12.45 -18.07
C GLY C 151 9.51 11.71 -18.68
N VAL C 152 9.73 10.48 -19.13
CA VAL C 152 8.63 9.72 -19.72
C VAL C 152 7.65 9.33 -18.64
N MET C 153 6.36 9.36 -19.00
CA MET C 153 5.31 9.06 -18.05
C MET C 153 4.40 7.93 -18.53
N VAL C 154 3.78 7.26 -17.58
CA VAL C 154 2.84 6.18 -17.86
C VAL C 154 1.54 6.60 -17.16
N VAL C 155 0.52 6.89 -17.97
CA VAL C 155 -0.76 7.34 -17.45
C VAL C 155 -1.82 6.25 -17.54
N ILE C 156 -2.49 6.00 -16.42
CA ILE C 156 -3.52 4.97 -16.34
C ILE C 156 -4.19 5.02 -14.96
N ASN C 157 -5.50 4.78 -14.94
CA ASN C 157 -6.26 4.78 -13.70
C ASN C 157 -6.08 6.06 -12.86
N ASP C 158 -6.20 7.21 -13.52
CA ASP C 158 -6.08 8.52 -12.87
C ASP C 158 -4.69 8.82 -12.31
N ARG C 159 -3.71 7.98 -12.60
CA ARG C 159 -2.36 8.22 -12.07
C ARG C 159 -1.33 8.52 -13.15
N ILE C 160 -0.28 9.24 -12.76
CA ILE C 160 0.81 9.59 -13.65
C ILE C 160 2.08 9.05 -12.99
N GLY C 161 2.65 8.00 -13.56
CA GLY C 161 3.85 7.42 -12.99
C GLY C 161 5.08 7.65 -13.85
N SER C 162 6.23 7.82 -13.20
CA SER C 162 7.48 8.02 -13.91
C SER C 162 7.94 6.66 -14.45
N ALA C 163 8.40 6.65 -15.69
CA ALA C 163 8.88 5.41 -16.31
C ALA C 163 9.95 4.70 -15.48
N ARG C 164 10.76 5.48 -14.75
CA ARG C 164 11.82 4.93 -13.93
C ARG C 164 11.36 4.21 -12.65
N TYR C 165 10.17 4.55 -12.16
CA TYR C 165 9.65 3.97 -10.93
C TYR C 165 8.41 3.10 -11.08
N ILE C 166 7.52 3.50 -11.98
CA ILE C 166 6.28 2.75 -12.18
C ILE C 166 6.52 1.33 -12.66
N THR C 167 5.63 0.43 -12.24
CA THR C 167 5.73 -0.98 -12.63
C THR C 167 4.38 -1.66 -12.44
N LYS C 168 4.13 -2.71 -13.23
CA LYS C 168 2.89 -3.45 -13.11
C LYS C 168 3.07 -4.35 -11.89
N THR C 169 2.34 -4.07 -10.81
CA THR C 169 2.48 -4.85 -9.58
C THR C 169 1.45 -5.97 -9.41
N ASN C 170 0.37 -5.91 -10.18
CA ASN C 170 -0.68 -6.94 -10.09
C ASN C 170 -0.95 -7.52 -11.47
N ALA C 171 -1.12 -8.82 -11.54
CA ALA C 171 -1.39 -9.50 -12.80
C ALA C 171 -2.69 -9.09 -13.49
N SER C 172 -3.71 -8.73 -12.72
CA SER C 172 -4.99 -8.43 -13.36
C SER C 172 -5.87 -7.26 -12.91
N THR C 173 -5.42 -6.46 -11.97
CA THR C 173 -6.24 -5.34 -11.47
C THR C 173 -6.08 -4.02 -12.22
N LEU C 174 -7.13 -3.19 -12.18
CA LEU C 174 -7.09 -1.89 -12.86
C LEU C 174 -6.04 -0.97 -12.23
N ASP C 175 -5.84 -1.13 -10.93
CA ASP C 175 -4.89 -0.29 -10.18
C ASP C 175 -3.51 -0.92 -10.08
N THR C 176 -3.22 -1.85 -10.98
CA THR C 176 -1.96 -2.55 -10.97
C THR C 176 -0.70 -1.68 -11.00
N PHE C 177 -0.72 -0.56 -11.72
CA PHE C 177 0.46 0.29 -11.80
C PHE C 177 0.69 1.17 -10.59
N ARG C 178 1.78 0.90 -9.88
CA ARG C 178 2.16 1.62 -8.68
C ARG C 178 3.68 1.67 -8.51
N ALA C 179 4.13 2.64 -7.72
CA ALA C 179 5.53 2.84 -7.37
C ALA C 179 5.42 2.98 -5.86
N ASN C 180 5.34 1.85 -5.17
CA ASN C 180 5.17 1.85 -3.72
C ASN C 180 6.01 2.81 -2.91
N GLU C 181 7.33 2.81 -3.13
CA GLU C 181 8.23 3.69 -2.38
C GLU C 181 8.38 5.09 -2.95
N GLU C 182 8.13 5.23 -4.25
CA GLU C 182 8.32 6.52 -4.92
C GLU C 182 7.05 7.30 -5.23
N GLY C 183 5.89 6.66 -5.09
CA GLY C 183 4.65 7.34 -5.38
C GLY C 183 4.49 7.72 -6.85
N TYR C 184 3.47 8.53 -7.13
CA TYR C 184 3.21 8.98 -8.49
C TYR C 184 3.70 10.40 -8.71
N LEU C 185 4.05 10.72 -9.96
CA LEU C 185 4.49 12.08 -10.29
C LEU C 185 3.29 13.01 -10.11
N GLY C 186 2.11 12.49 -10.38
CA GLY C 186 0.90 13.28 -10.25
C GLY C 186 -0.34 12.42 -10.45
N VAL C 187 -1.51 13.04 -10.36
CA VAL C 187 -2.77 12.32 -10.55
C VAL C 187 -3.72 13.22 -11.34
N ILE C 188 -4.74 12.61 -11.95
CA ILE C 188 -5.73 13.37 -12.71
C ILE C 188 -7.09 13.10 -12.11
N ILE C 189 -7.68 14.13 -11.51
CA ILE C 189 -8.99 14.01 -10.87
C ILE C 189 -9.89 15.17 -11.29
N GLY C 190 -11.11 14.86 -11.68
CA GLY C 190 -12.04 15.90 -12.09
C GLY C 190 -11.54 16.70 -13.27
N ASN C 191 -10.87 16.02 -14.20
CA ASN C 191 -10.33 16.64 -15.41
C ASN C 191 -9.26 17.68 -15.12
N ARG C 192 -8.61 17.55 -13.97
CA ARG C 192 -7.54 18.47 -13.60
C ARG C 192 -6.29 17.68 -13.19
N ILE C 193 -5.13 18.17 -13.61
CA ILE C 193 -3.88 17.52 -13.28
C ILE C 193 -3.30 18.09 -12.00
N TYR C 194 -2.82 17.21 -11.13
CA TYR C 194 -2.23 17.61 -9.86
C TYR C 194 -0.84 17.00 -9.83
N TYR C 195 0.17 17.83 -10.10
CA TYR C 195 1.54 17.33 -10.08
C TYR C 195 2.08 17.36 -8.66
N GLN C 196 2.60 16.21 -8.24
CA GLN C 196 3.10 16.02 -6.88
C GLN C 196 4.61 15.99 -6.73
N ASN C 197 5.28 15.30 -7.66
CA ASN C 197 6.72 15.14 -7.61
C ASN C 197 7.40 15.36 -8.95
N ARG C 198 8.71 15.50 -8.86
CA ARG C 198 9.59 15.61 -10.01
C ARG C 198 10.66 14.58 -9.64
N ILE C 199 10.89 13.62 -10.54
CA ILE C 199 11.87 12.58 -10.27
C ILE C 199 13.27 13.18 -10.14
N ASP C 200 14.00 12.73 -9.13
CA ASP C 200 15.35 13.23 -8.90
C ASP C 200 16.38 12.30 -9.54
N LYS C 201 16.25 12.12 -10.84
CA LYS C 201 17.13 11.26 -11.63
C LYS C 201 17.34 11.85 -13.02
N LEU C 202 18.42 11.45 -13.68
N LEU C 202 18.41 11.45 -13.69
CA LEU C 202 18.70 11.95 -15.03
CA LEU C 202 18.72 11.94 -15.03
C LEU C 202 17.81 11.24 -16.04
C LEU C 202 17.83 11.24 -16.05
N HIS C 203 17.39 11.98 -17.06
CA HIS C 203 16.54 11.41 -18.10
C HIS C 203 16.42 12.34 -19.30
N THR C 204 15.84 11.83 -20.37
CA THR C 204 15.62 12.58 -21.60
C THR C 204 16.73 13.54 -22.02
N THR C 205 16.44 14.83 -22.01
CA THR C 205 17.40 15.85 -22.44
C THR C 205 18.69 15.89 -21.62
N ARG C 206 18.71 15.20 -20.48
CA ARG C 206 19.90 15.19 -19.64
C ARG C 206 20.60 13.84 -19.72
N SER C 207 20.09 12.95 -20.55
CA SER C 207 20.65 11.62 -20.69
C SER C 207 21.77 11.56 -21.73
N VAL C 208 22.75 10.71 -21.48
CA VAL C 208 23.88 10.55 -22.39
C VAL C 208 23.63 9.39 -23.34
N PHE C 209 22.49 8.70 -23.15
CA PHE C 209 22.18 7.54 -23.98
C PHE C 209 21.60 7.88 -25.35
N ASP C 210 22.50 8.29 -26.23
CA ASP C 210 22.16 8.64 -27.61
C ASP C 210 22.03 7.33 -28.38
N VAL C 211 20.88 7.09 -28.99
CA VAL C 211 20.66 5.87 -29.75
C VAL C 211 20.36 6.12 -31.21
N ARG C 212 20.65 7.33 -31.70
CA ARG C 212 20.41 7.66 -33.09
C ARG C 212 21.23 6.73 -33.97
N GLY C 213 20.62 6.24 -35.04
CA GLY C 213 21.31 5.36 -35.97
C GLY C 213 21.44 3.89 -35.62
N LEU C 214 21.34 3.55 -34.33
CA LEU C 214 21.47 2.16 -33.92
C LEU C 214 20.35 1.29 -34.47
N THR C 215 20.64 0.00 -34.66
CA THR C 215 19.66 -0.95 -35.19
C THR C 215 19.52 -2.17 -34.30
N SER C 216 20.36 -2.28 -33.27
CA SER C 216 20.29 -3.40 -32.34
C SER C 216 21.00 -3.05 -31.04
N LEU C 217 20.73 -3.82 -30.00
CA LEU C 217 21.31 -3.58 -28.68
C LEU C 217 21.95 -4.84 -28.10
N PRO C 218 22.88 -4.66 -27.14
CA PRO C 218 23.55 -5.80 -26.51
C PRO C 218 22.51 -6.72 -25.88
N LYS C 219 22.79 -8.02 -25.88
CA LYS C 219 21.85 -8.97 -25.30
C LYS C 219 22.01 -9.10 -23.80
N VAL C 220 20.88 -9.01 -23.10
CA VAL C 220 20.88 -9.14 -21.64
C VAL C 220 19.73 -10.03 -21.20
N ASP C 221 20.06 -11.05 -20.41
CA ASP C 221 19.06 -11.98 -19.90
C ASP C 221 18.79 -11.68 -18.43
N ILE C 222 17.68 -12.21 -17.94
CA ILE C 222 17.30 -12.05 -16.55
C ILE C 222 17.16 -13.44 -15.94
N LEU C 223 17.95 -13.72 -14.91
CA LEU C 223 17.89 -15.01 -14.24
C LEU C 223 17.29 -14.82 -12.85
N TYR C 224 16.37 -15.71 -12.49
CA TYR C 224 15.68 -15.64 -11.20
C TYR C 224 16.50 -16.23 -10.05
N GLY C 225 16.25 -15.73 -8.85
CA GLY C 225 16.93 -16.24 -7.69
C GLY C 225 15.94 -16.92 -6.77
N TYR C 226 16.26 -18.13 -6.33
CA TYR C 226 15.38 -18.89 -5.46
C TYR C 226 16.12 -20.09 -4.89
N GLN C 227 15.48 -20.77 -3.94
CA GLN C 227 16.08 -21.97 -3.33
C GLN C 227 16.37 -23.01 -4.42
N ASP C 228 17.56 -23.59 -4.36
CA ASP C 228 17.99 -24.61 -5.34
C ASP C 228 18.22 -24.04 -6.73
N ASP C 229 18.34 -22.71 -6.86
CA ASP C 229 18.57 -22.13 -8.18
C ASP C 229 19.81 -22.77 -8.78
N PRO C 230 19.67 -23.30 -10.01
CA PRO C 230 20.72 -23.98 -10.78
C PRO C 230 21.79 -23.12 -11.43
N GLU C 231 23.01 -23.64 -11.43
CA GLU C 231 24.14 -22.95 -12.01
C GLU C 231 24.11 -23.05 -13.54
N TYR C 232 23.50 -24.09 -14.07
CA TYR C 232 23.45 -24.28 -15.52
C TYR C 232 22.79 -23.14 -16.30
N LEU C 233 21.88 -22.40 -15.66
CA LEU C 233 21.24 -21.29 -16.37
C LEU C 233 22.27 -20.22 -16.73
N TYR C 234 23.23 -19.98 -15.83
CA TYR C 234 24.27 -19.01 -16.09
C TYR C 234 25.13 -19.51 -17.25
N ASP C 235 25.45 -20.80 -17.21
CA ASP C 235 26.26 -21.41 -18.26
C ASP C 235 25.57 -21.23 -19.60
N ALA C 236 24.28 -21.51 -19.64
CA ALA C 236 23.49 -21.39 -20.88
C ALA C 236 23.51 -19.97 -21.42
N ALA C 237 23.22 -18.99 -20.56
CA ALA C 237 23.21 -17.60 -20.98
C ALA C 237 24.59 -17.19 -21.50
N ILE C 238 25.63 -17.50 -20.74
CA ILE C 238 27.00 -17.17 -21.12
C ILE C 238 27.33 -17.79 -22.47
N GLN C 239 26.98 -19.07 -22.62
CA GLN C 239 27.25 -19.80 -23.86
C GLN C 239 26.50 -19.27 -25.06
N HIS C 240 25.43 -18.49 -24.83
CA HIS C 240 24.68 -17.95 -25.96
C HIS C 240 25.05 -16.51 -26.30
N GLY C 241 26.16 -16.04 -25.77
CA GLY C 241 26.62 -14.70 -26.08
C GLY C 241 26.04 -13.47 -25.41
N VAL C 242 25.32 -13.64 -24.29
CA VAL C 242 24.78 -12.46 -23.62
C VAL C 242 25.92 -11.55 -23.22
N LYS C 243 25.65 -10.25 -23.17
CA LYS C 243 26.66 -9.26 -22.79
C LYS C 243 26.48 -8.90 -21.33
N GLY C 244 25.29 -9.17 -20.81
CA GLY C 244 25.01 -8.87 -19.42
C GLY C 244 23.92 -9.77 -18.88
N ILE C 245 23.93 -9.94 -17.57
CA ILE C 245 22.93 -10.76 -16.90
C ILE C 245 22.34 -9.99 -15.73
N VAL C 246 21.03 -9.83 -15.73
CA VAL C 246 20.35 -9.16 -14.63
C VAL C 246 19.88 -10.28 -13.72
N TYR C 247 20.20 -10.17 -12.44
CA TYR C 247 19.82 -11.18 -11.47
C TYR C 247 18.67 -10.71 -10.58
N ALA C 248 17.52 -11.36 -10.69
CA ALA C 248 16.35 -11.01 -9.87
C ALA C 248 16.53 -11.82 -8.59
N GLY C 249 17.47 -11.38 -7.77
CA GLY C 249 17.81 -12.09 -6.55
C GLY C 249 16.90 -12.20 -5.34
N MET C 250 17.31 -13.08 -4.44
CA MET C 250 16.60 -13.31 -3.20
C MET C 250 16.96 -12.14 -2.32
N GLY C 251 15.96 -11.52 -1.69
CA GLY C 251 16.22 -10.38 -0.84
C GLY C 251 17.02 -9.31 -1.55
N ALA C 252 18.01 -8.76 -0.85
CA ALA C 252 18.85 -7.70 -1.40
C ALA C 252 19.92 -8.23 -2.35
N GLY C 253 19.50 -8.92 -3.40
CA GLY C 253 20.45 -9.45 -4.37
C GLY C 253 21.34 -10.54 -3.81
N SER C 254 20.88 -11.23 -2.77
CA SER C 254 21.65 -12.30 -2.15
C SER C 254 21.85 -13.42 -3.16
N VAL C 255 23.02 -14.04 -3.13
CA VAL C 255 23.35 -15.11 -4.07
C VAL C 255 23.75 -16.42 -3.41
N SER C 256 23.21 -17.53 -3.91
CA SER C 256 23.52 -18.85 -3.39
C SER C 256 24.90 -19.27 -3.91
N VAL C 257 25.39 -20.41 -3.43
CA VAL C 257 26.69 -20.90 -3.88
C VAL C 257 26.66 -21.20 -5.38
N ARG C 258 25.54 -21.74 -5.87
CA ARG C 258 25.44 -22.03 -7.30
C ARG C 258 25.45 -20.72 -8.09
N GLY C 259 24.77 -19.71 -7.56
CA GLY C 259 24.71 -18.42 -8.22
C GLY C 259 26.07 -17.76 -8.25
N ILE C 260 26.79 -17.85 -7.13
CA ILE C 260 28.13 -17.26 -7.05
C ILE C 260 29.02 -17.90 -8.10
N ALA C 261 28.94 -19.22 -8.20
CA ALA C 261 29.75 -19.96 -9.18
C ALA C 261 29.36 -19.52 -10.58
N GLY C 262 28.06 -19.39 -10.82
CA GLY C 262 27.58 -18.97 -12.13
C GLY C 262 28.03 -17.57 -12.50
N MET C 263 27.93 -16.64 -11.56
CA MET C 263 28.32 -15.26 -11.82
C MET C 263 29.82 -15.14 -12.10
N ARG C 264 30.62 -15.92 -11.38
CA ARG C 264 32.06 -15.89 -11.57
C ARG C 264 32.40 -16.28 -13.01
N LYS C 265 31.77 -17.35 -13.50
CA LYS C 265 32.01 -17.79 -14.87
C LYS C 265 31.68 -16.67 -15.85
N ALA C 266 30.55 -16.01 -15.60
CA ALA C 266 30.12 -14.91 -16.45
C ALA C 266 31.13 -13.78 -16.42
N LEU C 267 31.56 -13.40 -15.22
CA LEU C 267 32.52 -12.32 -15.05
C LEU C 267 33.85 -12.66 -15.71
N GLU C 268 34.22 -13.93 -15.72
CA GLU C 268 35.47 -14.35 -16.34
C GLU C 268 35.38 -14.24 -17.86
N LYS C 269 34.19 -14.47 -18.40
CA LYS C 269 33.96 -14.39 -19.84
C LYS C 269 33.69 -12.96 -20.28
N GLY C 270 33.80 -12.02 -19.35
CA GLY C 270 33.57 -10.62 -19.68
C GLY C 270 32.12 -10.15 -19.68
N VAL C 271 31.23 -10.95 -19.10
CA VAL C 271 29.81 -10.58 -19.05
C VAL C 271 29.55 -9.72 -17.81
N VAL C 272 28.76 -8.66 -17.98
CA VAL C 272 28.45 -7.78 -16.85
C VAL C 272 27.30 -8.36 -16.04
N VAL C 273 27.52 -8.54 -14.74
CA VAL C 273 26.49 -9.09 -13.87
C VAL C 273 25.88 -7.97 -13.01
N MET C 274 24.56 -7.84 -13.09
CA MET C 274 23.83 -6.82 -12.33
C MET C 274 22.88 -7.48 -11.36
N ARG C 275 23.14 -7.29 -10.07
CA ARG C 275 22.30 -7.89 -9.04
C ARG C 275 21.12 -7.01 -8.66
N SER C 276 19.92 -7.48 -8.99
CA SER C 276 18.69 -6.76 -8.67
C SER C 276 17.95 -7.62 -7.63
N THR C 277 16.64 -7.44 -7.53
CA THR C 277 15.87 -8.21 -6.56
C THR C 277 14.52 -8.68 -7.10
N ARG C 278 14.08 -9.83 -6.62
CA ARG C 278 12.81 -10.41 -7.03
C ARG C 278 11.69 -9.89 -6.12
N THR C 279 12.06 -9.23 -5.03
CA THR C 279 11.07 -8.75 -4.06
C THR C 279 10.02 -7.81 -4.63
N GLY C 280 10.43 -6.91 -5.51
CA GLY C 280 9.51 -5.97 -6.13
C GLY C 280 9.74 -4.52 -5.80
N ASN C 281 10.51 -4.24 -4.75
CA ASN C 281 10.78 -2.87 -4.33
C ASN C 281 12.08 -2.78 -3.55
N GLY C 282 12.63 -1.57 -3.45
CA GLY C 282 13.81 -1.40 -2.64
C GLY C 282 15.20 -1.25 -3.24
N ILE C 283 16.13 -0.98 -2.34
CA ILE C 283 17.52 -0.77 -2.68
C ILE C 283 18.38 -2.02 -2.51
N VAL C 284 19.13 -2.36 -3.54
CA VAL C 284 20.07 -3.46 -3.45
C VAL C 284 21.36 -2.68 -3.23
N PRO C 285 21.88 -2.69 -1.99
CA PRO C 285 23.10 -1.97 -1.61
C PRO C 285 24.41 -2.59 -2.09
N PRO C 286 25.47 -1.78 -2.14
CA PRO C 286 26.78 -2.29 -2.57
C PRO C 286 27.23 -3.34 -1.56
N ASP C 287 28.05 -4.28 -2.00
CA ASP C 287 28.58 -5.33 -1.15
C ASP C 287 29.79 -5.90 -1.87
N GLU C 288 30.99 -5.49 -1.47
CA GLU C 288 32.21 -5.96 -2.12
C GLU C 288 32.47 -7.45 -1.91
N GLU C 289 31.74 -8.07 -0.98
CA GLU C 289 31.91 -9.49 -0.71
C GLU C 289 31.14 -10.32 -1.73
N LEU C 290 30.34 -9.66 -2.56
CA LEU C 290 29.56 -10.35 -3.57
C LEU C 290 29.98 -9.90 -4.96
N PRO C 291 29.84 -10.80 -5.96
CA PRO C 291 30.22 -10.46 -7.34
C PRO C 291 29.19 -9.59 -8.04
N GLY C 292 29.62 -8.94 -9.11
CA GLY C 292 28.72 -8.09 -9.89
C GLY C 292 28.44 -6.72 -9.33
N LEU C 293 27.57 -6.00 -10.02
CA LEU C 293 27.17 -4.66 -9.63
C LEU C 293 25.80 -4.75 -8.96
N VAL C 294 25.32 -3.64 -8.43
CA VAL C 294 24.01 -3.61 -7.75
C VAL C 294 23.06 -2.68 -8.51
N SER C 295 21.78 -3.03 -8.53
CA SER C 295 20.79 -2.25 -9.29
C SER C 295 20.16 -1.04 -8.64
N ASP C 296 20.65 -0.62 -7.48
CA ASP C 296 20.05 0.55 -6.83
C ASP C 296 18.58 0.16 -6.60
N SER C 297 17.64 1.03 -6.97
CA SER C 297 16.23 0.70 -6.79
C SER C 297 15.54 0.21 -8.08
N LEU C 298 16.33 -0.10 -9.11
CA LEU C 298 15.74 -0.59 -10.35
C LEU C 298 15.35 -2.06 -10.21
N ASN C 299 14.11 -2.39 -10.58
CA ASN C 299 13.69 -3.77 -10.49
C ASN C 299 14.33 -4.51 -11.68
N PRO C 300 14.19 -5.84 -11.73
CA PRO C 300 14.79 -6.59 -12.85
C PRO C 300 14.52 -6.07 -14.26
N ALA C 301 13.26 -5.80 -14.57
CA ALA C 301 12.89 -5.33 -15.90
C ALA C 301 13.55 -4.00 -16.27
N HIS C 302 13.53 -3.04 -15.36
CA HIS C 302 14.15 -1.75 -15.61
C HIS C 302 15.68 -1.89 -15.66
N ALA C 303 16.21 -2.74 -14.80
CA ALA C 303 17.65 -2.96 -14.75
C ALA C 303 18.16 -3.47 -16.10
N ARG C 304 17.43 -4.40 -16.69
CA ARG C 304 17.84 -4.94 -17.99
C ARG C 304 17.89 -3.84 -19.04
N ILE C 305 16.87 -2.99 -19.05
CA ILE C 305 16.81 -1.89 -20.01
C ILE C 305 18.01 -0.94 -19.86
N LEU C 306 18.33 -0.58 -18.63
CA LEU C 306 19.45 0.33 -18.40
C LEU C 306 20.79 -0.34 -18.69
N LEU C 307 20.90 -1.62 -18.38
CA LEU C 307 22.15 -2.34 -18.63
C LEU C 307 22.41 -2.43 -20.13
N MET C 308 21.36 -2.69 -20.91
CA MET C 308 21.51 -2.79 -22.36
C MET C 308 22.03 -1.47 -22.92
N LEU C 309 21.39 -0.37 -22.52
CA LEU C 309 21.80 0.94 -22.99
C LEU C 309 23.20 1.31 -22.50
N ALA C 310 23.53 0.92 -21.27
CA ALA C 310 24.84 1.21 -20.72
C ALA C 310 25.91 0.50 -21.56
N LEU C 311 25.59 -0.72 -21.98
CA LEU C 311 26.51 -1.54 -22.78
C LEU C 311 26.76 -1.01 -24.18
N THR C 312 25.97 -0.04 -24.63
CA THR C 312 26.19 0.53 -25.96
C THR C 312 27.29 1.59 -25.85
N ARG C 313 27.63 1.95 -24.62
CA ARG C 313 28.62 2.98 -24.38
C ARG C 313 29.85 2.57 -23.58
N THR C 314 29.78 1.47 -22.85
CA THR C 314 30.91 1.05 -22.05
C THR C 314 30.77 -0.36 -21.47
N SER C 315 31.89 -0.91 -21.01
CA SER C 315 31.92 -2.24 -20.41
C SER C 315 32.56 -2.11 -19.04
N ASP C 316 32.99 -0.89 -18.71
CA ASP C 316 33.62 -0.58 -17.44
C ASP C 316 32.60 -0.68 -16.31
N PRO C 317 32.78 -1.62 -15.38
CA PRO C 317 31.88 -1.81 -14.25
C PRO C 317 31.64 -0.53 -13.46
N LYS C 318 32.69 0.27 -13.32
CA LYS C 318 32.61 1.54 -12.59
C LYS C 318 31.56 2.47 -13.20
N VAL C 319 31.71 2.75 -14.49
CA VAL C 319 30.80 3.64 -15.20
C VAL C 319 29.36 3.12 -15.15
N ILE C 320 29.19 1.83 -15.45
CA ILE C 320 27.87 1.22 -15.44
C ILE C 320 27.22 1.34 -14.06
N GLN C 321 28.02 1.18 -13.01
CA GLN C 321 27.49 1.28 -11.66
C GLN C 321 27.03 2.70 -11.35
N GLU C 322 27.77 3.69 -11.83
CA GLU C 322 27.40 5.09 -11.60
C GLU C 322 26.07 5.36 -12.31
N TYR C 323 25.94 4.78 -13.50
CA TYR C 323 24.72 4.94 -14.29
C TYR C 323 23.53 4.49 -13.45
N PHE C 324 23.65 3.31 -12.84
CA PHE C 324 22.58 2.76 -12.03
C PHE C 324 22.24 3.56 -10.78
N HIS C 325 23.16 4.43 -10.36
CA HIS C 325 22.91 5.25 -9.19
C HIS C 325 22.39 6.63 -9.59
N THR C 326 22.39 6.93 -10.88
CA THR C 326 21.94 8.23 -11.33
C THR C 326 20.78 8.26 -12.32
N TYR C 327 20.52 7.13 -12.97
CA TYR C 327 19.41 7.05 -13.93
C TYR C 327 18.22 6.26 -13.39
N LEU D 4 -30.75 -20.81 -11.49
CA LEU D 4 -30.09 -19.52 -11.14
C LEU D 4 -30.52 -19.04 -9.75
N PRO D 5 -29.60 -18.40 -9.01
CA PRO D 5 -29.95 -17.92 -7.67
C PRO D 5 -30.86 -16.70 -7.78
N ASN D 6 -31.67 -16.47 -6.76
CA ASN D 6 -32.60 -15.34 -6.74
C ASN D 6 -31.99 -14.21 -5.92
N ILE D 7 -31.66 -13.13 -6.60
CA ILE D 7 -31.05 -11.98 -5.95
C ILE D 7 -31.92 -10.73 -6.00
N VAL D 8 -32.06 -10.07 -4.87
CA VAL D 8 -32.83 -8.85 -4.79
C VAL D 8 -31.84 -7.70 -4.73
N ILE D 9 -32.00 -6.72 -5.62
CA ILE D 9 -31.13 -5.56 -5.65
C ILE D 9 -31.89 -4.41 -5.01
N LEU D 10 -31.39 -3.94 -3.87
CA LEU D 10 -31.99 -2.85 -3.13
C LEU D 10 -31.20 -1.57 -3.37
N ALA D 11 -31.85 -0.56 -3.93
CA ALA D 11 -31.18 0.70 -4.21
C ALA D 11 -31.47 1.74 -3.12
N THR D 12 -30.44 2.48 -2.72
CA THR D 12 -30.61 3.49 -1.67
C THR D 12 -30.40 4.89 -2.23
N GLY D 13 -29.92 4.97 -3.47
CA GLY D 13 -29.69 6.25 -4.10
C GLY D 13 -29.94 6.18 -5.59
N GLY D 14 -29.26 7.02 -6.35
CA GLY D 14 -29.44 7.02 -7.80
C GLY D 14 -28.78 5.79 -8.38
N THR D 15 -29.07 5.50 -9.64
CA THR D 15 -28.49 4.33 -10.28
C THR D 15 -26.99 4.52 -10.46
N ILE D 16 -26.23 3.44 -10.31
CA ILE D 16 -24.78 3.52 -10.47
C ILE D 16 -24.39 3.09 -11.88
N ALA D 17 -25.40 2.77 -12.69
CA ALA D 17 -25.17 2.35 -14.07
C ALA D 17 -26.27 2.88 -15.00
N GLY D 18 -25.87 3.29 -16.20
CA GLY D 18 -26.82 3.79 -17.18
C GLY D 18 -27.49 5.11 -16.84
N SER D 19 -28.47 5.50 -17.66
CA SER D 19 -29.22 6.74 -17.44
C SER D 19 -30.66 6.58 -17.91
N GLY D 35 -33.26 5.09 -11.19
CA GLY D 35 -33.91 4.06 -10.33
C GLY D 35 -33.24 2.70 -10.46
N VAL D 36 -33.76 1.73 -9.71
CA VAL D 36 -33.22 0.39 -9.74
C VAL D 36 -33.55 -0.31 -11.07
N ASP D 37 -34.61 0.15 -11.72
CA ASP D 37 -35.03 -0.42 -13.00
C ASP D 37 -34.01 -0.02 -14.07
N THR D 38 -33.64 1.25 -14.07
CA THR D 38 -32.66 1.77 -15.01
C THR D 38 -31.36 1.01 -14.87
N LEU D 39 -30.97 0.75 -13.62
CA LEU D 39 -29.75 0.02 -13.30
C LEU D 39 -29.76 -1.34 -14.00
N ILE D 40 -30.80 -2.13 -13.73
CA ILE D 40 -30.94 -3.47 -14.29
C ILE D 40 -31.01 -3.45 -15.82
N ASN D 41 -31.77 -2.52 -16.38
CA ASN D 41 -31.90 -2.43 -17.83
C ASN D 41 -30.58 -1.96 -18.45
N ALA D 42 -29.77 -1.28 -17.65
CA ALA D 42 -28.48 -0.78 -18.12
C ALA D 42 -27.41 -1.87 -18.17
N VAL D 43 -27.55 -2.87 -17.30
CA VAL D 43 -26.59 -3.96 -17.26
C VAL D 43 -27.33 -5.30 -17.29
N PRO D 44 -27.85 -5.68 -18.46
CA PRO D 44 -28.59 -6.93 -18.67
C PRO D 44 -27.78 -8.20 -18.43
N GLU D 45 -26.46 -8.08 -18.41
CA GLU D 45 -25.61 -9.24 -18.18
C GLU D 45 -25.91 -9.89 -16.82
N VAL D 46 -26.45 -9.10 -15.88
CA VAL D 46 -26.76 -9.62 -14.56
C VAL D 46 -27.80 -10.73 -14.60
N LYS D 47 -28.76 -10.60 -15.52
CA LYS D 47 -29.82 -11.60 -15.65
C LYS D 47 -29.30 -12.98 -16.03
N LYS D 48 -28.04 -13.05 -16.45
CA LYS D 48 -27.46 -14.33 -16.82
C LYS D 48 -26.80 -14.97 -15.61
N LEU D 49 -26.54 -14.16 -14.58
CA LEU D 49 -25.93 -14.65 -13.36
C LEU D 49 -26.98 -14.97 -12.31
N ALA D 50 -28.18 -14.40 -12.47
CA ALA D 50 -29.25 -14.64 -11.51
C ALA D 50 -30.57 -14.02 -11.91
N ASN D 51 -31.63 -14.50 -11.27
CA ASN D 51 -32.98 -13.98 -11.49
C ASN D 51 -33.04 -12.79 -10.54
N VAL D 52 -32.93 -11.59 -11.08
CA VAL D 52 -32.94 -10.39 -10.27
C VAL D 52 -34.28 -9.68 -10.15
N LYS D 53 -34.48 -9.05 -9.00
CA LYS D 53 -35.67 -8.29 -8.70
C LYS D 53 -35.16 -7.02 -8.03
N GLY D 54 -35.57 -5.87 -8.55
CA GLY D 54 -35.12 -4.61 -7.98
C GLY D 54 -36.13 -3.94 -7.07
N GLU D 55 -35.62 -3.25 -6.07
CA GLU D 55 -36.46 -2.55 -5.11
C GLU D 55 -35.79 -1.21 -4.77
N GLN D 56 -36.54 -0.12 -4.84
CA GLN D 56 -36.00 1.20 -4.53
C GLN D 56 -36.28 1.49 -3.07
N PHE D 57 -35.34 1.13 -2.21
CA PHE D 57 -35.48 1.33 -0.77
C PHE D 57 -35.53 2.82 -0.39
N SER D 58 -34.60 3.59 -0.96
CA SER D 58 -34.53 5.02 -0.70
C SER D 58 -33.80 5.64 -1.87
N ASN D 59 -33.71 6.97 -1.87
CA ASN D 59 -33.00 7.65 -2.94
C ASN D 59 -32.38 8.94 -2.43
N MET D 60 -31.14 8.83 -1.98
CA MET D 60 -30.43 9.97 -1.44
C MET D 60 -28.93 9.74 -1.55
N ALA D 61 -28.16 10.82 -1.50
CA ALA D 61 -26.70 10.70 -1.56
C ALA D 61 -26.31 10.03 -0.24
N SER D 62 -25.29 9.18 -0.27
CA SER D 62 -24.89 8.47 0.95
C SER D 62 -24.49 9.36 2.13
N GLU D 63 -24.04 10.59 1.85
CA GLU D 63 -23.65 11.49 2.94
C GLU D 63 -24.88 11.87 3.77
N ASN D 64 -26.07 11.57 3.25
CA ASN D 64 -27.30 11.88 3.97
C ASN D 64 -27.93 10.66 4.61
N MET D 65 -27.35 9.48 4.38
CA MET D 65 -27.88 8.27 5.00
C MET D 65 -27.82 8.48 6.51
N THR D 66 -28.91 8.16 7.19
CA THR D 66 -28.96 8.33 8.65
C THR D 66 -29.20 7.01 9.36
N GLY D 67 -28.83 6.98 10.64
CA GLY D 67 -29.01 5.77 11.43
C GLY D 67 -30.43 5.24 11.39
N ASP D 68 -31.42 6.12 11.49
CA ASP D 68 -32.80 5.68 11.45
C ASP D 68 -33.10 4.95 10.16
N VAL D 69 -32.57 5.46 9.05
CA VAL D 69 -32.78 4.87 7.74
C VAL D 69 -31.99 3.56 7.57
N VAL D 70 -30.76 3.55 8.08
CA VAL D 70 -29.92 2.35 7.98
C VAL D 70 -30.58 1.25 8.81
N LEU D 71 -31.23 1.64 9.90
CA LEU D 71 -31.93 0.71 10.78
C LEU D 71 -33.03 0.01 9.98
N LYS D 72 -33.80 0.79 9.23
CA LYS D 72 -34.88 0.26 8.42
C LYS D 72 -34.31 -0.61 7.30
N LEU D 73 -33.15 -0.22 6.80
CA LEU D 73 -32.50 -0.97 5.73
C LEU D 73 -32.17 -2.36 6.27
N SER D 74 -31.58 -2.40 7.46
N SER D 74 -31.59 -2.41 7.45
CA SER D 74 -31.22 -3.67 8.09
CA SER D 74 -31.22 -3.67 8.09
C SER D 74 -32.45 -4.53 8.33
C SER D 74 -32.45 -4.53 8.34
N GLN D 75 -33.50 -3.91 8.86
CA GLN D 75 -34.73 -4.63 9.15
C GLN D 75 -35.35 -5.17 7.86
N ARG D 76 -35.26 -4.41 6.78
CA ARG D 76 -35.80 -4.86 5.49
C ARG D 76 -34.97 -6.02 4.95
N VAL D 77 -33.65 -5.93 5.06
CA VAL D 77 -32.78 -7.00 4.58
C VAL D 77 -33.03 -8.27 5.37
N ASN D 78 -33.11 -8.17 6.69
CA ASN D 78 -33.38 -9.34 7.54
C ASN D 78 -34.65 -10.01 7.02
N GLU D 79 -35.63 -9.18 6.73
CA GLU D 79 -36.93 -9.61 6.24
C GLU D 79 -36.83 -10.37 4.92
N LEU D 80 -36.08 -9.81 3.97
CA LEU D 80 -35.91 -10.45 2.68
C LEU D 80 -35.18 -11.78 2.78
N LEU D 81 -34.10 -11.80 3.55
CA LEU D 81 -33.29 -13.01 3.70
C LEU D 81 -34.00 -14.16 4.42
N ALA D 82 -35.10 -13.85 5.10
CA ALA D 82 -35.85 -14.90 5.81
C ALA D 82 -36.75 -15.64 4.82
N ARG D 83 -36.83 -15.14 3.60
CA ARG D 83 -37.64 -15.73 2.55
C ARG D 83 -36.94 -16.83 1.77
N ASP D 84 -37.69 -17.87 1.40
CA ASP D 84 -37.15 -18.99 0.64
C ASP D 84 -36.67 -18.54 -0.75
N ASP D 85 -37.43 -17.63 -1.36
CA ASP D 85 -37.15 -17.14 -2.69
C ASP D 85 -36.10 -16.04 -2.82
N VAL D 86 -35.29 -15.86 -1.78
CA VAL D 86 -34.22 -14.86 -1.81
C VAL D 86 -32.93 -15.54 -1.38
N ASP D 87 -31.99 -15.67 -2.32
CA ASP D 87 -30.71 -16.33 -2.02
C ASP D 87 -29.65 -15.33 -1.53
N GLY D 88 -29.83 -14.07 -1.89
CA GLY D 88 -28.90 -13.03 -1.49
C GLY D 88 -29.41 -11.66 -1.85
N VAL D 89 -28.77 -10.62 -1.31
N VAL D 89 -28.77 -10.62 -1.31
CA VAL D 89 -29.18 -9.26 -1.62
CA VAL D 89 -29.17 -9.26 -1.61
C VAL D 89 -27.98 -8.39 -1.99
C VAL D 89 -27.98 -8.38 -1.97
N VAL D 90 -28.19 -7.51 -2.95
CA VAL D 90 -27.16 -6.58 -3.40
C VAL D 90 -27.72 -5.19 -3.11
N ILE D 91 -26.95 -4.36 -2.42
CA ILE D 91 -27.41 -3.02 -2.07
C ILE D 91 -26.57 -1.94 -2.74
N THR D 92 -27.20 -1.14 -3.62
CA THR D 92 -26.46 -0.07 -4.28
C THR D 92 -26.45 1.08 -3.29
N HIS D 93 -25.28 1.66 -3.10
CA HIS D 93 -25.10 2.69 -2.09
C HIS D 93 -24.00 3.65 -2.51
N GLY D 94 -24.05 4.89 -2.01
CA GLY D 94 -23.01 5.85 -2.33
C GLY D 94 -21.72 5.37 -1.68
N THR D 95 -20.58 5.75 -2.23
CA THR D 95 -19.29 5.32 -1.68
C THR D 95 -18.89 6.03 -0.38
N ASP D 96 -19.33 7.28 -0.24
CA ASP D 96 -18.95 8.08 0.92
C ASP D 96 -19.20 7.47 2.30
N THR D 97 -20.34 6.83 2.50
CA THR D 97 -20.64 6.24 3.80
C THR D 97 -21.02 4.76 3.72
N VAL D 98 -20.72 4.10 2.60
CA VAL D 98 -21.07 2.70 2.48
C VAL D 98 -20.40 1.88 3.59
N GLU D 99 -19.21 2.29 4.04
CA GLU D 99 -18.54 1.52 5.09
C GLU D 99 -19.33 1.55 6.40
N GLU D 100 -20.06 2.63 6.62
CA GLU D 100 -20.87 2.79 7.82
C GLU D 100 -22.15 1.94 7.72
N SER D 101 -22.86 2.08 6.61
CA SER D 101 -24.09 1.31 6.41
C SER D 101 -23.80 -0.19 6.38
N ALA D 102 -22.74 -0.58 5.69
CA ALA D 102 -22.36 -1.98 5.57
C ALA D 102 -22.01 -2.60 6.94
N TYR D 103 -21.25 -1.86 7.74
CA TYR D 103 -20.85 -2.39 9.04
C TYR D 103 -22.06 -2.49 9.97
N PHE D 104 -23.04 -1.61 9.79
CA PHE D 104 -24.21 -1.67 10.63
C PHE D 104 -24.95 -2.99 10.33
N LEU D 105 -25.16 -3.28 9.06
CA LEU D 105 -25.84 -4.53 8.69
C LEU D 105 -24.99 -5.75 9.03
N HIS D 106 -23.68 -5.58 8.96
CA HIS D 106 -22.73 -6.64 9.30
C HIS D 106 -23.00 -7.10 10.73
N LEU D 107 -23.42 -6.17 11.57
CA LEU D 107 -23.68 -6.44 12.98
C LEU D 107 -25.14 -6.74 13.33
N THR D 108 -26.06 -6.53 12.40
CA THR D 108 -27.47 -6.72 12.73
C THR D 108 -28.30 -7.65 11.84
N VAL D 109 -27.73 -8.10 10.73
CA VAL D 109 -28.44 -9.01 9.83
C VAL D 109 -28.21 -10.44 10.32
N LYS D 110 -29.27 -11.07 10.81
CA LYS D 110 -29.18 -12.43 11.34
C LYS D 110 -29.38 -13.50 10.28
N SER D 111 -28.50 -13.51 9.29
CA SER D 111 -28.58 -14.49 8.22
C SER D 111 -27.19 -14.73 7.66
N ASP D 112 -26.96 -15.94 7.16
CA ASP D 112 -25.67 -16.28 6.57
C ASP D 112 -25.73 -16.06 5.07
N LYS D 113 -26.91 -15.72 4.57
CA LYS D 113 -27.06 -15.46 3.13
C LYS D 113 -26.26 -14.21 2.79
N PRO D 114 -25.65 -14.17 1.61
CA PRO D 114 -24.86 -13.00 1.23
C PRO D 114 -25.59 -11.66 1.19
N VAL D 115 -24.94 -10.65 1.78
CA VAL D 115 -25.42 -9.28 1.77
C VAL D 115 -24.24 -8.54 1.15
N VAL D 116 -24.42 -8.07 -0.07
CA VAL D 116 -23.36 -7.41 -0.79
C VAL D 116 -23.63 -5.96 -1.16
N PHE D 117 -22.91 -5.04 -0.52
CA PHE D 117 -23.05 -3.64 -0.87
C PHE D 117 -22.18 -3.39 -2.09
N VAL D 118 -22.70 -2.61 -3.03
CA VAL D 118 -21.94 -2.30 -4.23
C VAL D 118 -22.06 -0.79 -4.43
N ALA D 119 -21.03 -0.19 -5.03
CA ALA D 119 -21.03 1.25 -5.26
C ALA D 119 -20.18 1.57 -6.49
N ALA D 120 -20.10 2.86 -6.81
CA ALA D 120 -19.31 3.28 -7.96
C ALA D 120 -18.66 4.63 -7.69
N MET D 121 -17.37 4.74 -8.01
CA MET D 121 -16.64 5.97 -7.79
C MET D 121 -16.82 6.98 -8.92
N ARG D 122 -17.29 6.52 -10.07
CA ARG D 122 -17.54 7.41 -11.19
C ARG D 122 -19.03 7.43 -11.47
N PRO D 123 -19.56 8.59 -11.92
CA PRO D 123 -21.00 8.63 -12.21
C PRO D 123 -21.37 7.68 -13.36
N ALA D 124 -22.61 7.22 -13.35
CA ALA D 124 -23.11 6.29 -14.35
C ALA D 124 -22.91 6.73 -15.80
N THR D 125 -22.99 8.04 -16.04
CA THR D 125 -22.84 8.56 -17.39
C THR D 125 -21.41 8.96 -17.75
N ALA D 126 -20.46 8.69 -16.86
CA ALA D 126 -19.07 9.05 -17.11
C ALA D 126 -18.35 8.06 -18.00
N ILE D 127 -17.29 8.53 -18.64
CA ILE D 127 -16.48 7.67 -19.51
C ILE D 127 -15.84 6.62 -18.60
N SER D 128 -15.86 5.37 -19.04
CA SER D 128 -15.27 4.27 -18.28
C SER D 128 -15.85 4.18 -16.87
N ALA D 129 -17.17 4.39 -16.75
CA ALA D 129 -17.83 4.30 -15.46
C ALA D 129 -17.62 2.90 -14.89
N ASP D 130 -17.36 2.83 -13.59
CA ASP D 130 -17.11 1.55 -12.93
C ASP D 130 -18.38 0.83 -12.47
N GLY D 131 -19.47 1.56 -12.32
CA GLY D 131 -20.73 0.98 -11.86
C GLY D 131 -21.18 -0.32 -12.50
N PRO D 132 -21.19 -0.41 -13.84
CA PRO D 132 -21.61 -1.64 -14.51
C PRO D 132 -20.85 -2.88 -14.07
N MET D 133 -19.52 -2.84 -14.14
CA MET D 133 -18.72 -3.99 -13.75
C MET D 133 -18.86 -4.27 -12.25
N ASN D 134 -18.90 -3.22 -11.43
CA ASN D 134 -19.05 -3.39 -9.99
C ASN D 134 -20.33 -4.17 -9.69
N LEU D 135 -21.44 -3.75 -10.30
CA LEU D 135 -22.72 -4.42 -10.08
C LEU D 135 -22.66 -5.88 -10.50
N LEU D 136 -22.08 -6.12 -11.67
CA LEU D 136 -21.95 -7.47 -12.21
C LEU D 136 -21.22 -8.36 -11.20
N GLU D 137 -20.11 -7.87 -10.68
CA GLU D 137 -19.34 -8.63 -9.71
C GLU D 137 -20.11 -8.83 -8.40
N ALA D 138 -20.85 -7.80 -7.98
CA ALA D 138 -21.63 -7.87 -6.75
C ALA D 138 -22.70 -8.96 -6.85
N VAL D 139 -23.34 -9.05 -8.00
CA VAL D 139 -24.38 -10.05 -8.21
C VAL D 139 -23.77 -11.45 -8.25
N ARG D 140 -22.63 -11.59 -8.91
CA ARG D 140 -21.97 -12.88 -8.97
C ARG D 140 -21.60 -13.35 -7.56
N VAL D 141 -21.08 -12.43 -6.76
CA VAL D 141 -20.70 -12.76 -5.39
C VAL D 141 -21.93 -13.11 -4.54
N ALA D 142 -22.98 -12.32 -4.67
CA ALA D 142 -24.20 -12.53 -3.89
C ALA D 142 -24.89 -13.86 -4.21
N GLY D 143 -24.71 -14.36 -5.43
CA GLY D 143 -25.33 -15.60 -5.81
C GLY D 143 -24.47 -16.85 -5.69
N ASP D 144 -23.20 -16.68 -5.34
CA ASP D 144 -22.31 -17.82 -5.23
C ASP D 144 -22.47 -18.54 -3.88
N LYS D 145 -22.73 -19.84 -3.96
CA LYS D 145 -22.91 -20.67 -2.77
C LYS D 145 -21.73 -20.53 -1.81
N GLN D 146 -20.55 -20.33 -2.39
CA GLN D 146 -19.31 -20.18 -1.64
C GLN D 146 -19.23 -18.88 -0.83
N SER D 147 -20.15 -17.96 -1.10
CA SER D 147 -20.17 -16.66 -0.42
C SER D 147 -20.91 -16.61 0.92
N ARG D 148 -21.55 -17.71 1.30
CA ARG D 148 -22.32 -17.75 2.54
C ARG D 148 -21.49 -17.66 3.82
N GLY D 149 -22.08 -17.04 4.84
CA GLY D 149 -21.45 -16.92 6.14
C GLY D 149 -20.13 -16.18 6.22
N ARG D 150 -19.93 -15.17 5.39
CA ARG D 150 -18.68 -14.42 5.39
C ARG D 150 -18.84 -13.02 5.98
N GLY D 151 -20.03 -12.71 6.46
CA GLY D 151 -20.29 -11.39 7.01
C GLY D 151 -20.65 -10.49 5.85
N VAL D 152 -21.05 -9.24 6.14
CA VAL D 152 -21.42 -8.32 5.07
C VAL D 152 -20.20 -7.93 4.24
N MET D 153 -20.41 -7.83 2.93
CA MET D 153 -19.34 -7.51 2.00
C MET D 153 -19.58 -6.24 1.20
N VAL D 154 -18.48 -5.67 0.71
CA VAL D 154 -18.52 -4.48 -0.12
C VAL D 154 -17.72 -4.85 -1.36
N VAL D 155 -18.40 -4.88 -2.50
CA VAL D 155 -17.76 -5.26 -3.75
C VAL D 155 -17.63 -4.07 -4.68
N ILE D 156 -16.42 -3.89 -5.20
CA ILE D 156 -16.11 -2.79 -6.10
C ILE D 156 -14.67 -2.94 -6.57
N ASN D 157 -14.43 -2.57 -7.83
CA ASN D 157 -13.10 -2.62 -8.41
C ASN D 157 -12.43 -3.99 -8.27
N ASP D 158 -13.17 -5.04 -8.59
CA ASP D 158 -12.70 -6.43 -8.55
C ASP D 158 -12.33 -6.95 -7.16
N ARG D 159 -12.71 -6.22 -6.10
CA ARG D 159 -12.36 -6.65 -4.75
C ARG D 159 -13.58 -6.91 -3.86
N ILE D 160 -13.43 -7.85 -2.94
CA ILE D 160 -14.49 -8.18 -1.98
C ILE D 160 -13.96 -7.81 -0.60
N GLY D 161 -14.47 -6.74 -0.03
CA GLY D 161 -14.01 -6.33 1.29
C GLY D 161 -14.98 -6.60 2.42
N SER D 162 -14.46 -6.94 3.59
CA SER D 162 -15.32 -7.17 4.73
C SER D 162 -15.78 -5.84 5.28
N ALA D 163 -17.06 -5.75 5.65
CA ALA D 163 -17.62 -4.52 6.20
C ALA D 163 -16.87 -4.05 7.44
N ARG D 164 -16.26 -4.97 8.16
CA ARG D 164 -15.53 -4.63 9.39
C ARG D 164 -14.16 -4.00 9.16
N TYR D 165 -13.54 -4.30 8.04
CA TYR D 165 -12.20 -3.78 7.74
C TYR D 165 -12.13 -2.76 6.61
N ILE D 166 -12.95 -2.95 5.57
CA ILE D 166 -12.93 -2.09 4.40
C ILE D 166 -13.31 -0.64 4.72
N THR D 167 -12.68 0.29 4.02
CA THR D 167 -12.95 1.71 4.24
C THR D 167 -12.54 2.47 2.99
N LYS D 168 -13.17 3.63 2.77
CA LYS D 168 -12.83 4.46 1.62
C LYS D 168 -11.56 5.20 2.05
N THR D 169 -10.43 4.84 1.46
CA THR D 169 -9.14 5.44 1.82
C THR D 169 -8.73 6.66 0.98
N ASN D 170 -9.34 6.82 -0.19
CA ASN D 170 -9.01 7.92 -1.08
C ASN D 170 -10.27 8.69 -1.45
N ALA D 171 -10.17 10.00 -1.48
CA ALA D 171 -11.32 10.83 -1.79
C ALA D 171 -11.93 10.62 -3.17
N SER D 172 -11.10 10.31 -4.17
CA SER D 172 -11.62 10.22 -5.54
C SER D 172 -11.21 9.11 -6.50
N THR D 173 -10.38 8.16 -6.09
CA THR D 173 -9.93 7.11 -7.00
C THR D 173 -10.81 5.86 -7.07
N LEU D 174 -10.72 5.12 -8.18
CA LEU D 174 -11.52 3.91 -8.35
C LEU D 174 -11.15 2.81 -7.36
N ASP D 175 -9.85 2.78 -7.01
CA ASP D 175 -9.32 1.78 -6.08
C ASP D 175 -9.30 2.24 -4.62
N THR D 176 -10.12 3.24 -4.31
CA THR D 176 -10.19 3.79 -2.97
C THR D 176 -10.46 2.79 -1.82
N PHE D 177 -11.31 1.79 -2.05
CA PHE D 177 -11.60 0.84 -0.99
C PHE D 177 -10.51 -0.19 -0.75
N ARG D 178 -9.94 -0.12 0.46
CA ARG D 178 -8.86 -1.00 0.88
C ARG D 178 -8.89 -1.23 2.38
N ALA D 179 -8.26 -2.31 2.81
CA ALA D 179 -8.13 -2.65 4.22
C ALA D 179 -6.62 -2.94 4.26
N ASN D 180 -5.85 -1.88 4.42
CA ASN D 180 -4.40 -2.00 4.39
C ASN D 180 -3.75 -3.11 5.20
N GLU D 181 -4.23 -3.34 6.42
CA GLU D 181 -3.65 -4.36 7.27
C GLU D 181 -4.37 -5.70 7.22
N GLU D 182 -5.65 -5.68 6.83
CA GLU D 182 -6.45 -6.90 6.79
C GLU D 182 -6.69 -7.51 5.41
N GLY D 183 -6.36 -6.75 4.36
CA GLY D 183 -6.55 -7.24 3.01
C GLY D 183 -8.02 -7.46 2.66
N TYR D 184 -8.25 -8.08 1.50
CA TYR D 184 -9.61 -8.37 1.03
C TYR D 184 -10.01 -9.80 1.32
N LEU D 185 -11.31 -10.01 1.51
CA LEU D 185 -11.85 -11.33 1.75
C LEU D 185 -11.60 -12.17 0.50
N GLY D 186 -11.68 -11.52 -0.65
CA GLY D 186 -11.46 -12.20 -1.92
C GLY D 186 -11.43 -11.23 -3.08
N VAL D 187 -11.24 -11.73 -4.29
CA VAL D 187 -11.23 -10.87 -5.48
C VAL D 187 -11.99 -11.56 -6.60
N ILE D 188 -12.41 -10.77 -7.59
CA ILE D 188 -13.13 -11.31 -8.75
C ILE D 188 -12.31 -10.97 -9.98
N ILE D 189 -11.74 -11.98 -10.61
CA ILE D 189 -10.91 -11.80 -11.81
C ILE D 189 -11.35 -12.82 -12.85
N GLY D 190 -11.49 -12.37 -14.10
CA GLY D 190 -11.90 -13.28 -15.15
C GLY D 190 -13.22 -13.98 -14.88
N ASN D 191 -14.15 -13.26 -14.26
CA ASN D 191 -15.48 -13.78 -13.96
C ASN D 191 -15.47 -14.95 -12.96
N ARG D 192 -14.42 -15.04 -12.17
CA ARG D 192 -14.31 -16.10 -11.18
C ARG D 192 -13.96 -15.50 -9.83
N ILE D 193 -14.60 -16.00 -8.78
CA ILE D 193 -14.37 -15.51 -7.42
C ILE D 193 -13.23 -16.29 -6.76
N TYR D 194 -12.32 -15.55 -6.16
CA TYR D 194 -11.19 -16.16 -5.47
C TYR D 194 -11.23 -15.73 -4.00
N TYR D 195 -11.72 -16.60 -3.13
CA TYR D 195 -11.79 -16.28 -1.71
C TYR D 195 -10.43 -16.52 -1.04
N GLN D 196 -9.96 -15.49 -0.36
CA GLN D 196 -8.66 -15.50 0.31
C GLN D 196 -8.72 -15.64 1.82
N ASN D 197 -9.63 -14.90 2.44
CA ASN D 197 -9.74 -14.90 3.90
C ASN D 197 -11.15 -15.00 4.42
N ARG D 198 -11.24 -15.32 5.70
N ARG D 198 -11.24 -15.32 5.70
CA ARG D 198 -12.50 -15.37 6.43
CA ARG D 198 -12.49 -15.38 6.43
C ARG D 198 -12.20 -14.52 7.65
C ARG D 198 -12.19 -14.52 7.65
N ILE D 199 -13.03 -13.51 7.88
CA ILE D 199 -12.81 -12.63 9.01
C ILE D 199 -12.91 -13.37 10.34
N ASP D 200 -11.97 -13.11 11.24
CA ASP D 200 -11.95 -13.76 12.54
C ASP D 200 -12.58 -12.83 13.58
N LYS D 201 -13.86 -12.55 13.40
CA LYS D 201 -14.62 -11.68 14.30
C LYS D 201 -16.07 -12.12 14.27
N LEU D 202 -16.84 -11.71 15.27
CA LEU D 202 -18.26 -12.04 15.35
C LEU D 202 -19.05 -11.15 14.40
N HIS D 203 -20.11 -11.70 13.82
CA HIS D 203 -20.94 -10.95 12.90
C HIS D 203 -22.20 -11.72 12.55
N THR D 204 -23.11 -11.02 11.87
CA THR D 204 -24.39 -11.55 11.41
C THR D 204 -25.04 -12.60 12.33
N THR D 205 -25.06 -13.86 11.92
CA THR D 205 -25.70 -14.92 12.71
C THR D 205 -25.17 -15.13 14.12
N ARG D 206 -23.97 -14.64 14.41
CA ARG D 206 -23.41 -14.81 15.75
C ARG D 206 -23.41 -13.50 16.54
N SER D 207 -24.07 -12.48 16.01
CA SER D 207 -24.11 -11.20 16.68
C SER D 207 -25.26 -11.09 17.69
N VAL D 208 -25.01 -10.41 18.79
CA VAL D 208 -26.03 -10.24 19.81
C VAL D 208 -26.84 -8.95 19.58
N PHE D 209 -26.46 -8.18 18.58
CA PHE D 209 -27.14 -6.92 18.30
C PHE D 209 -28.47 -7.04 17.56
N ASP D 210 -29.51 -7.32 18.33
CA ASP D 210 -30.87 -7.46 17.83
C ASP D 210 -31.47 -6.05 17.79
N VAL D 211 -31.89 -5.60 16.61
CA VAL D 211 -32.45 -4.26 16.48
C VAL D 211 -33.89 -4.25 15.97
N ARG D 212 -34.54 -5.40 15.99
CA ARG D 212 -35.91 -5.47 15.52
C ARG D 212 -36.82 -4.79 16.56
N GLY D 213 -37.62 -3.84 16.08
CA GLY D 213 -38.51 -3.11 16.96
C GLY D 213 -37.98 -1.70 17.23
N LEU D 214 -36.68 -1.51 17.01
CA LEU D 214 -36.06 -0.20 17.24
C LEU D 214 -36.40 0.77 16.11
N THR D 215 -36.45 2.06 16.43
CA THR D 215 -36.75 3.08 15.42
C THR D 215 -35.68 4.16 15.43
N SER D 216 -34.86 4.19 16.47
CA SER D 216 -33.78 5.15 16.59
C SER D 216 -32.61 4.47 17.30
N LEU D 217 -31.45 5.14 17.31
CA LEU D 217 -30.26 4.59 17.94
C LEU D 217 -29.66 5.60 18.90
N PRO D 218 -28.89 5.14 19.89
CA PRO D 218 -28.28 6.08 20.85
C PRO D 218 -27.46 7.08 20.05
N LYS D 219 -27.44 8.34 20.48
CA LYS D 219 -26.68 9.36 19.75
C LYS D 219 -25.19 9.28 20.05
N VAL D 220 -24.38 9.24 19.00
CA VAL D 220 -22.93 9.17 19.14
C VAL D 220 -22.24 10.13 18.17
N ASP D 221 -21.38 10.99 18.71
CA ASP D 221 -20.65 11.95 17.87
C ASP D 221 -19.19 11.57 17.79
N ILE D 222 -18.51 12.11 16.78
CA ILE D 222 -17.09 11.86 16.59
C ILE D 222 -16.35 13.20 16.67
N LEU D 223 -15.35 13.28 17.54
CA LEU D 223 -14.56 14.49 17.70
C LEU D 223 -13.13 14.20 17.24
N TYR D 224 -12.54 15.14 16.52
CA TYR D 224 -11.20 14.98 16.00
C TYR D 224 -10.10 15.33 17.01
N GLY D 225 -8.95 14.70 16.85
CA GLY D 225 -7.81 14.98 17.72
C GLY D 225 -6.75 15.66 16.87
N TYR D 226 -6.24 16.78 17.36
CA TYR D 226 -5.22 17.55 16.64
C TYR D 226 -4.63 18.58 17.58
N GLN D 227 -3.51 19.19 17.17
CA GLN D 227 -2.89 20.21 18.01
C GLN D 227 -3.92 21.30 18.30
N ASP D 228 -3.96 21.76 19.54
CA ASP D 228 -4.88 22.81 19.97
C ASP D 228 -6.35 22.41 19.94
N ASP D 229 -6.66 21.11 19.94
CA ASP D 229 -8.05 20.69 19.92
C ASP D 229 -8.79 21.31 21.11
N PRO D 230 -9.97 21.88 20.87
CA PRO D 230 -10.81 22.52 21.88
C PRO D 230 -11.62 21.65 22.82
N GLU D 231 -11.67 22.06 24.08
CA GLU D 231 -12.43 21.35 25.09
C GLU D 231 -13.92 21.63 24.91
N TYR D 232 -14.27 22.82 24.42
CA TYR D 232 -15.67 23.19 24.25
C TYR D 232 -16.49 22.27 23.36
N LEU D 233 -15.83 21.53 22.45
CA LEU D 233 -16.56 20.63 21.58
C LEU D 233 -17.13 19.46 22.39
N TYR D 234 -16.40 19.04 23.43
CA TYR D 234 -16.88 17.96 24.29
C TYR D 234 -18.08 18.49 25.08
N ASP D 235 -17.96 19.73 25.54
CA ASP D 235 -19.03 20.37 26.30
C ASP D 235 -20.30 20.43 25.47
N ALA D 236 -20.17 20.81 24.20
CA ALA D 236 -21.32 20.92 23.32
C ALA D 236 -22.01 19.57 23.11
N ALA D 237 -21.22 18.53 22.86
CA ALA D 237 -21.78 17.19 22.65
C ALA D 237 -22.55 16.78 23.91
N ILE D 238 -21.89 16.92 25.05
CA ILE D 238 -22.51 16.57 26.33
C ILE D 238 -23.85 17.32 26.48
N GLN D 239 -23.81 18.62 26.23
CA GLN D 239 -25.01 19.45 26.36
C GLN D 239 -26.14 19.02 25.43
N HIS D 240 -25.78 18.41 24.30
CA HIS D 240 -26.81 17.97 23.36
C HIS D 240 -27.26 16.53 23.58
N GLY D 241 -26.91 15.97 24.72
CA GLY D 241 -27.33 14.63 25.06
C GLY D 241 -26.72 13.43 24.36
N VAL D 242 -25.47 13.51 23.92
CA VAL D 242 -24.86 12.36 23.29
C VAL D 242 -24.69 11.27 24.34
N LYS D 243 -24.84 10.02 23.93
CA LYS D 243 -24.68 8.89 24.82
C LYS D 243 -23.26 8.34 24.68
N GLY D 244 -22.62 8.68 23.58
CA GLY D 244 -21.26 8.22 23.34
C GLY D 244 -20.46 9.20 22.50
N ILE D 245 -19.14 9.21 22.70
CA ILE D 245 -18.26 10.07 21.93
C ILE D 245 -17.10 9.25 21.39
N VAL D 246 -16.97 9.20 20.08
CA VAL D 246 -15.87 8.50 19.45
C VAL D 246 -14.82 9.57 19.17
N TYR D 247 -13.61 9.30 19.64
CA TYR D 247 -12.49 10.23 19.49
C TYR D 247 -11.52 9.76 18.40
N ALA D 248 -11.42 10.54 17.32
CA ALA D 248 -10.51 10.22 16.22
C ALA D 248 -9.18 10.80 16.69
N GLY D 249 -8.53 10.08 17.59
CA GLY D 249 -7.30 10.54 18.20
C GLY D 249 -6.01 10.66 17.43
N MET D 250 -5.10 11.43 18.01
CA MET D 250 -3.78 11.63 17.47
C MET D 250 -3.03 10.34 17.78
N GLY D 251 -2.37 9.75 16.79
CA GLY D 251 -1.64 8.51 17.03
C GLY D 251 -2.54 7.42 17.60
N ALA D 252 -2.04 6.72 18.61
CA ALA D 252 -2.81 5.64 19.21
C ALA D 252 -3.83 6.15 20.23
N GLY D 253 -4.71 7.03 19.79
CA GLY D 253 -5.72 7.58 20.68
C GLY D 253 -5.16 8.48 21.78
N SER D 254 -4.04 9.14 21.51
CA SER D 254 -3.44 10.05 22.48
C SER D 254 -4.35 11.26 22.68
N VAL D 255 -4.37 11.77 23.91
CA VAL D 255 -5.23 12.90 24.25
C VAL D 255 -4.47 14.07 24.87
N SER D 256 -4.80 15.29 24.44
CA SER D 256 -4.17 16.50 24.97
C SER D 256 -4.80 16.82 26.32
N VAL D 257 -4.23 17.77 27.04
CA VAL D 257 -4.77 18.14 28.34
C VAL D 257 -6.21 18.62 28.20
N ARG D 258 -6.52 19.28 27.10
CA ARG D 258 -7.86 19.78 26.86
C ARG D 258 -8.80 18.62 26.56
N GLY D 259 -8.32 17.67 25.76
CA GLY D 259 -9.13 16.50 25.42
C GLY D 259 -9.43 15.69 26.67
N ILE D 260 -8.43 15.58 27.55
CA ILE D 260 -8.60 14.83 28.78
C ILE D 260 -9.66 15.49 29.66
N ALA D 261 -9.60 16.80 29.76
CA ALA D 261 -10.57 17.55 30.56
C ALA D 261 -11.97 17.34 29.98
N GLY D 262 -12.06 17.36 28.66
CA GLY D 262 -13.34 17.16 28.01
C GLY D 262 -13.89 15.76 28.26
N MET D 263 -13.03 14.76 28.13
CA MET D 263 -13.46 13.38 28.34
C MET D 263 -13.87 13.13 29.79
N ARG D 264 -13.14 13.73 30.73
CA ARG D 264 -13.48 13.58 32.14
C ARG D 264 -14.89 14.09 32.38
N LYS D 265 -15.22 15.25 31.81
CA LYS D 265 -16.55 15.81 31.96
C LYS D 265 -17.62 14.89 31.38
N ALA D 266 -17.33 14.31 30.22
CA ALA D 266 -18.27 13.41 29.57
C ALA D 266 -18.53 12.15 30.43
N LEU D 267 -17.45 11.59 30.96
CA LEU D 267 -17.56 10.39 31.79
C LEU D 267 -18.33 10.69 33.07
N GLU D 268 -18.20 11.92 33.57
CA GLU D 268 -18.90 12.35 34.77
C GLU D 268 -20.40 12.44 34.47
N LYS D 269 -20.74 12.72 33.21
CA LYS D 269 -22.13 12.83 32.78
C LYS D 269 -22.69 11.50 32.29
N GLY D 270 -21.92 10.42 32.44
CA GLY D 270 -22.39 9.12 32.01
C GLY D 270 -22.24 8.83 30.52
N VAL D 271 -21.44 9.64 29.83
CA VAL D 271 -21.21 9.45 28.41
C VAL D 271 -20.06 8.46 28.26
N VAL D 272 -20.20 7.51 27.32
CA VAL D 272 -19.15 6.54 27.09
C VAL D 272 -18.18 7.15 26.09
N VAL D 273 -16.90 7.18 26.45
CA VAL D 273 -15.87 7.73 25.57
C VAL D 273 -15.08 6.58 24.95
N MET D 274 -15.00 6.58 23.62
CA MET D 274 -14.29 5.54 22.87
C MET D 274 -13.14 6.16 22.08
N ARG D 275 -11.91 5.82 22.44
CA ARG D 275 -10.74 6.37 21.76
C ARG D 275 -10.29 5.55 20.55
N SER D 276 -10.46 6.16 19.37
CA SER D 276 -10.07 5.54 18.12
C SER D 276 -8.88 6.36 17.62
N THR D 277 -8.60 6.29 16.32
CA THR D 277 -7.47 7.01 15.77
C THR D 277 -7.79 7.70 14.44
N ARG D 278 -7.18 8.85 14.21
CA ARG D 278 -7.37 9.59 12.97
C ARG D 278 -6.35 9.12 11.93
N THR D 279 -5.39 8.28 12.33
CA THR D 279 -4.34 7.85 11.40
C THR D 279 -4.85 7.08 10.19
N GLY D 280 -5.85 6.24 10.38
CA GLY D 280 -6.40 5.47 9.27
C GLY D 280 -6.30 3.95 9.41
N ASN D 281 -5.34 3.48 10.21
CA ASN D 281 -5.13 2.04 10.38
C ASN D 281 -4.53 1.70 11.75
N GLY D 282 -4.58 0.42 12.09
CA GLY D 282 -3.94 0.00 13.32
C GLY D 282 -4.73 -0.13 14.59
N ILE D 283 -4.02 -0.60 15.61
CA ILE D 283 -4.57 -0.86 16.92
C ILE D 283 -4.38 0.28 17.93
N VAL D 284 -5.47 0.66 18.59
CA VAL D 284 -5.40 1.66 19.65
C VAL D 284 -5.38 0.70 20.85
N PRO D 285 -4.22 0.56 21.50
CA PRO D 285 -4.06 -0.33 22.64
C PRO D 285 -4.63 0.20 23.95
N PRO D 286 -4.94 -0.70 24.89
CA PRO D 286 -5.49 -0.31 26.19
C PRO D 286 -4.43 0.52 26.91
N ASP D 287 -4.87 1.46 27.74
CA ASP D 287 -3.98 2.33 28.51
C ASP D 287 -4.75 2.84 29.71
N GLU D 288 -4.42 2.33 30.90
CA GLU D 288 -5.09 2.73 32.13
C GLU D 288 -4.88 4.19 32.53
N GLU D 289 -3.81 4.79 32.03
CA GLU D 289 -3.52 6.18 32.36
C GLU D 289 -4.38 7.16 31.59
N LEU D 290 -5.18 6.67 30.64
CA LEU D 290 -6.04 7.52 29.83
C LEU D 290 -7.52 7.24 30.04
N PRO D 291 -8.36 8.25 29.83
CA PRO D 291 -9.81 8.12 29.99
C PRO D 291 -10.45 7.32 28.86
N GLY D 292 -11.60 6.71 29.14
CA GLY D 292 -12.31 5.98 28.12
C GLY D 292 -11.83 4.60 27.72
N LEU D 293 -12.46 4.10 26.67
CA LEU D 293 -12.18 2.78 26.13
C LEU D 293 -11.33 2.93 24.87
N VAL D 294 -10.86 1.82 24.32
CA VAL D 294 -10.05 1.85 23.10
C VAL D 294 -10.78 1.11 21.98
N SER D 295 -10.62 1.58 20.76
CA SER D 295 -11.34 1.01 19.62
C SER D 295 -10.73 -0.20 18.92
N ASP D 296 -9.69 -0.81 19.48
CA ASP D 296 -9.08 -1.98 18.83
C ASP D 296 -8.67 -1.47 17.43
N SER D 297 -8.99 -2.20 16.37
CA SER D 297 -8.64 -1.76 15.03
C SER D 297 -9.76 -1.01 14.28
N LEU D 298 -10.84 -0.65 14.97
CA LEU D 298 -11.93 0.06 14.32
C LEU D 298 -11.62 1.55 14.12
N ASN D 299 -11.78 2.04 12.89
CA ASN D 299 -11.53 3.46 12.64
C ASN D 299 -12.72 4.23 13.20
N PRO D 300 -12.64 5.58 13.21
CA PRO D 300 -13.76 6.38 13.76
C PRO D 300 -15.17 6.05 13.27
N ALA D 301 -15.35 5.97 11.95
CA ALA D 301 -16.66 5.70 11.40
C ALA D 301 -17.20 4.33 11.84
N HIS D 302 -16.37 3.31 11.82
CA HIS D 302 -16.80 1.98 12.24
C HIS D 302 -17.04 1.95 13.74
N ALA D 303 -16.15 2.60 14.49
CA ALA D 303 -16.25 2.64 15.94
C ALA D 303 -17.57 3.28 16.36
N ARG D 304 -17.97 4.34 15.67
CA ARG D 304 -19.22 5.00 16.00
C ARG D 304 -20.39 4.03 15.85
N ILE D 305 -20.41 3.31 14.74
CA ILE D 305 -21.46 2.34 14.46
C ILE D 305 -21.53 1.28 15.57
N LEU D 306 -20.40 0.65 15.90
CA LEU D 306 -20.42 -0.36 16.96
C LEU D 306 -20.80 0.21 18.32
N LEU D 307 -20.33 1.42 18.62
CA LEU D 307 -20.65 2.02 19.93
C LEU D 307 -22.15 2.27 20.04
N MET D 308 -22.78 2.73 18.96
CA MET D 308 -24.21 2.98 19.00
C MET D 308 -24.95 1.67 19.30
N LEU D 309 -24.55 0.60 18.61
CA LEU D 309 -25.19 -0.68 18.82
C LEU D 309 -24.86 -1.26 20.20
N ALA D 310 -23.63 -1.03 20.66
CA ALA D 310 -23.24 -1.52 21.98
C ALA D 310 -24.16 -0.87 23.00
N LEU D 311 -24.46 0.40 22.81
CA LEU D 311 -25.33 1.15 23.72
C LEU D 311 -26.77 0.67 23.73
N THR D 312 -27.17 -0.12 22.73
CA THR D 312 -28.53 -0.63 22.71
C THR D 312 -28.61 -1.87 23.59
N ARG D 313 -27.45 -2.29 24.12
CA ARG D 313 -27.37 -3.47 24.97
C ARG D 313 -27.00 -3.13 26.41
N THR D 314 -26.09 -2.17 26.57
CA THR D 314 -25.60 -1.81 27.91
C THR D 314 -24.80 -0.52 27.90
N SER D 315 -24.47 -0.03 29.08
CA SER D 315 -23.66 1.16 29.23
C SER D 315 -22.39 0.77 29.98
N ASP D 316 -22.29 -0.51 30.36
CA ASP D 316 -21.14 -1.02 31.08
C ASP D 316 -19.88 -0.92 30.21
N PRO D 317 -18.84 -0.23 30.71
CA PRO D 317 -17.59 -0.06 29.98
C PRO D 317 -16.84 -1.35 29.66
N LYS D 318 -16.79 -2.28 30.61
CA LYS D 318 -16.09 -3.54 30.38
C LYS D 318 -16.77 -4.34 29.26
N VAL D 319 -18.09 -4.37 29.27
CA VAL D 319 -18.82 -5.11 28.24
C VAL D 319 -18.61 -4.47 26.87
N ILE D 320 -18.74 -3.15 26.81
CA ILE D 320 -18.54 -2.44 25.55
C ILE D 320 -17.12 -2.67 25.05
N GLN D 321 -16.15 -2.63 25.96
CA GLN D 321 -14.77 -2.85 25.56
C GLN D 321 -14.59 -4.24 24.96
N GLU D 322 -15.30 -5.23 25.50
CA GLU D 322 -15.19 -6.60 24.99
C GLU D 322 -15.83 -6.69 23.59
N TYR D 323 -16.92 -5.96 23.38
CA TYR D 323 -17.57 -5.93 22.06
C TYR D 323 -16.57 -5.43 21.03
N PHE D 324 -15.84 -4.37 21.39
CA PHE D 324 -14.87 -3.79 20.48
C PHE D 324 -13.69 -4.69 20.15
N HIS D 325 -13.42 -5.67 21.01
CA HIS D 325 -12.33 -6.60 20.76
C HIS D 325 -12.82 -7.86 20.02
N THR D 326 -14.13 -8.03 19.89
CA THR D 326 -14.66 -9.21 19.23
C THR D 326 -15.51 -9.01 17.98
N TYR D 327 -15.99 -7.78 17.77
CA TYR D 327 -16.80 -7.47 16.59
C TYR D 327 -16.04 -6.64 15.56
N DAS E . 20.65 -13.50 3.62
CA DAS E . 20.21 -12.93 4.90
C DAS E . 18.79 -13.39 5.20
O DAS E . 18.24 -14.18 4.40
CB DAS E . 21.15 -13.36 6.02
CG DAS E . 21.06 -14.84 6.33
OD1 DAS E . 21.86 -15.32 7.18
OD2 DAS E . 20.21 -15.54 5.74
OXT DAS E . 18.26 -12.98 6.26
N DAS F . 2.53 10.64 22.24
CA DAS F . 3.76 9.94 21.88
C DAS F . 4.33 10.51 20.59
O DAS F . 3.71 11.44 20.03
CB DAS F . 4.78 10.08 23.02
CG DAS F . 5.35 11.49 23.14
OD1 DAS F . 6.19 11.71 24.04
OD2 DAS F . 4.95 12.38 22.34
OXT DAS F . 5.42 10.03 20.17
N DAS G . -0.86 -8.75 -23.04
CA DAS G . -1.85 -7.68 -22.93
C DAS G . -1.18 -6.35 -22.58
O DAS G . 0.07 -6.33 -22.52
CB DAS G . -2.63 -7.54 -24.24
CG DAS G . -1.80 -6.93 -25.36
OD1 DAS G . -2.34 -6.80 -26.48
OD2 DAS G . -0.62 -6.58 -25.14
OXT DAS G . -1.91 -5.36 -22.36
N DAS H . -21.83 11.15 -2.50
CA DAS H . -21.60 10.24 -3.62
C DAS H . -21.32 8.82 -3.11
O DAS H . -21.27 8.66 -1.86
CB DAS H . -22.81 10.22 -4.56
CG DAS H . -24.05 9.60 -3.93
OD1 DAS H . -25.10 9.59 -4.60
OD2 DAS H . -23.98 9.11 -2.78
OXT DAS H . -21.15 7.90 -3.96
#